data_4ZAK
#
_entry.id   4ZAK
#
_cell.length_a   78.921
_cell.length_b   190.544
_cell.length_c   150.760
_cell.angle_alpha   90.000
_cell.angle_beta   90.000
_cell.angle_gamma   90.000
#
_symmetry.space_group_name_H-M   'C 2 2 21'
#
loop_
_entity.id
_entity.type
_entity.pdbx_description
1 polymer 'Antigen-presenting glycoprotein CD1d1'
2 polymer Beta-2-microglobulin
3 polymer 'Protein Trav11,Va14Ja18/Vb8.2,Human nkt tcr alpha chain'
4 polymer 'T cell antigen receptor beta chain 8.2,T-cell receptor beta-2 chain C region,Protein Trbc2,T-cell receptor beta-2 chain C region'
5 branched 2-acetamido-2-deoxy-beta-D-glucopyranose-(1-4)-2-acetamido-2-deoxy-beta-D-glucopyranose
6 non-polymer 2-acetamido-2-deoxy-beta-D-glucopyranose
7 non-polymer N-[(2S,3S,4R)-1-(alpha-D-galactopyranosyloxy)-3,4-dihydroxyoctadecan-2-yl]hexacosanethioamide
#
loop_
_entity_poly.entity_id
_entity_poly.type
_entity_poly.pdbx_seq_one_letter_code
_entity_poly.pdbx_strand_id
1 'polypeptide(L)'
;SEAQQKNYTFRCLQMSSFANRSWSRTDSVVWLGDLQTHRWSNDSATISFTKPWSQGKLSNQQWEKLQHMFQVYRVSFTRD
IQELVKMMSPKEDYPIEIQLSAGCEMYPGNASESFLHVAFQGKYVVRFWGTSWQTVPGAPSWLDLPIKVLNADQGTSATV
QMLLNDTCPLFVRGLLEAGKSDLEKQEKPVAWLSSVPSSAHGHRQLVCHVSGFYPKPVWVMWMRGDQEQQGTHRGDFLPN
ADETWYLQATLDVEAGEEAGLACRVKHSSLGGQDIILYWHHHHHH
;
A
2 'polypeptide(L)'
;IQKTPQIQVYSRHPPENGKPNILNCYVTQFHPPHIEIQMLKNGKKIPKVEMSDMSFSKDWSFYILAHTEFTPTETDTYAC
RVKHASMAEPKTVYWDRDM
;
B
3 'polypeptide(L)'
;MKTQVEQSPQSLVVRQGENCVLQCNYSVTPDNHLRWFKQDTGKGLVSLTVLVDQKDKTSNGRYSATLDKDAKHSTLHITA
TLLDDTATYICVVGDRGSALGRLHFGAGTQLIVIPDIQNPDPAVYQLRDSKSSDKSVCLFTDFDSQTNVSQSKDSDVYIT
DKCVLDMRSMDFKSNSAVAWSNKSDFACANAFNNSIIPEDTFFPSPESS
;
C
4 'polypeptide(L)'
;MEAAVTQSPRNKVAVTGGKVTLSCNQTNNHNNMYWYRQDTGHGLRLIHYSYGAGSTEKGDIPDGYKASRPSQENFSLILE
LATPSQTSVYFCASGDEGYTQYFGPGTRLLVLEDLRNVTPPKVSLFEPSKAEISHTQKATLVCLATGFYPDHVELSWWVN
GKEVHSGVCTDPQPLKEQPALNDSRYSLSSRLRVSATFWQNPRNHFRCQVQFYGLSENDEWTQDRAKPVTQIVSAEAWGR
A
;
D
#
# COMPACT_ATOMS: atom_id res chain seq x y z
N ASN A 7 -31.97 -1.04 29.00
CA ASN A 7 -31.34 -1.37 27.70
C ASN A 7 -30.76 -0.12 27.02
N TYR A 8 -29.44 -0.11 26.85
CA TYR A 8 -28.74 1.02 26.24
C TYR A 8 -28.01 0.62 24.97
N THR A 9 -28.25 1.38 23.90
CA THR A 9 -27.54 1.18 22.63
C THR A 9 -26.37 2.15 22.52
N PHE A 10 -25.18 1.59 22.37
CA PHE A 10 -23.96 2.35 22.13
C PHE A 10 -23.73 2.42 20.62
N ARG A 11 -23.66 3.64 20.09
CA ARG A 11 -23.53 3.85 18.65
C ARG A 11 -22.31 4.68 18.28
N CYS A 12 -21.48 4.14 17.40
CA CYS A 12 -20.40 4.90 16.78
C CYS A 12 -20.83 5.25 15.36
N LEU A 13 -21.17 6.51 15.16
CA LEU A 13 -21.69 6.93 13.87
C LEU A 13 -20.63 7.67 13.07
N GLN A 14 -20.13 7.02 12.02
CA GLN A 14 -19.13 7.61 11.14
C GLN A 14 -19.78 8.07 9.84
N MET A 15 -19.41 9.26 9.40
CA MET A 15 -19.83 9.78 8.10
C MET A 15 -18.61 10.24 7.28
N SER A 16 -18.52 9.74 6.06
CA SER A 16 -17.38 10.03 5.19
C SER A 16 -17.82 10.54 3.81
N SER A 17 -17.23 11.65 3.39
CA SER A 17 -17.55 12.24 2.08
C SER A 17 -16.33 12.29 1.18
N PHE A 18 -16.50 11.78 -0.04
CA PHE A 18 -15.43 11.79 -1.03
C PHE A 18 -15.86 12.58 -2.27
N ALA A 19 -15.49 13.85 -2.31
CA ALA A 19 -15.93 14.77 -3.38
C ALA A 19 -15.34 14.40 -4.74
N ASN A 20 -14.06 14.07 -4.74
CA ASN A 20 -13.32 13.65 -5.93
C ASN A 20 -12.17 12.74 -5.52
N ARG A 21 -11.24 12.47 -6.44
CA ARG A 21 -10.12 11.53 -6.19
C ARG A 21 -9.21 11.93 -5.02
N SER A 22 -9.21 13.20 -4.66
CA SER A 22 -8.29 13.74 -3.66
C SER A 22 -8.97 14.22 -2.38
N TRP A 23 -9.99 15.07 -2.52
CA TRP A 23 -10.68 15.69 -1.37
C TRP A 23 -11.54 14.72 -0.63
N SER A 24 -11.29 14.58 0.67
CA SER A 24 -12.01 13.63 1.51
C SER A 24 -12.09 14.12 2.96
N ARG A 25 -13.19 13.80 3.64
CA ARG A 25 -13.29 14.06 5.08
C ARG A 25 -14.11 13.01 5.83
N THR A 26 -13.70 12.74 7.07
CA THR A 26 -14.36 11.75 7.92
C THR A 26 -14.62 12.31 9.31
N ASP A 27 -15.89 12.33 9.70
CA ASP A 27 -16.32 12.83 11.00
C ASP A 27 -17.12 11.76 11.74
N SER A 28 -16.84 11.60 13.03
CA SER A 28 -17.55 10.61 13.85
C SER A 28 -18.12 11.20 15.14
N VAL A 29 -19.34 10.79 15.47
CA VAL A 29 -19.94 11.10 16.76
C VAL A 29 -20.37 9.79 17.42
N VAL A 30 -20.42 9.80 18.75
CA VAL A 30 -20.66 8.59 19.52
C VAL A 30 -21.76 8.84 20.54
N TRP A 31 -22.74 7.93 20.57
CA TRP A 31 -23.90 8.07 21.46
C TRP A 31 -24.07 6.88 22.35
N LEU A 32 -24.42 7.13 23.61
CA LEU A 32 -24.84 6.08 24.53
C LEU A 32 -26.27 6.40 24.97
N GLY A 33 -27.24 5.73 24.35
CA GLY A 33 -28.63 6.14 24.45
C GLY A 33 -28.82 7.36 23.57
N ASP A 34 -29.20 8.48 24.17
CA ASP A 34 -29.35 9.72 23.45
C ASP A 34 -28.39 10.82 23.96
N LEU A 35 -27.33 10.39 24.64
CA LEU A 35 -26.29 11.29 25.14
C LEU A 35 -24.97 11.10 24.39
N GLN A 36 -24.42 12.19 23.87
CA GLN A 36 -23.14 12.12 23.14
C GLN A 36 -21.97 11.95 24.10
N THR A 37 -21.14 10.94 23.83
CA THR A 37 -19.98 10.65 24.67
C THR A 37 -18.67 11.00 23.98
N HIS A 38 -18.65 10.96 22.66
CA HIS A 38 -17.42 11.27 21.91
C HIS A 38 -17.68 12.09 20.67
N ARG A 39 -16.64 12.80 20.25
CA ARG A 39 -16.66 13.58 19.03
C ARG A 39 -15.30 13.36 18.37
N TRP A 40 -15.30 13.18 17.05
CA TRP A 40 -14.05 13.08 16.31
C TRP A 40 -14.12 13.79 15.00
N SER A 41 -13.76 15.07 15.02
CA SER A 41 -13.71 15.90 13.83
C SER A 41 -12.54 15.47 12.93
N ASN A 42 -12.68 15.70 11.62
CA ASN A 42 -11.62 15.40 10.66
C ASN A 42 -10.35 16.20 10.97
N ASP A 43 -10.53 17.40 11.51
CA ASP A 43 -9.45 18.32 11.83
C ASP A 43 -8.60 17.82 13.01
N SER A 44 -9.23 17.06 13.90
CA SER A 44 -8.58 16.58 15.11
C SER A 44 -7.83 15.27 14.88
N ALA A 45 -6.62 15.19 15.40
CA ALA A 45 -5.82 13.98 15.34
C ALA A 45 -6.28 12.96 16.39
N THR A 46 -7.04 13.44 17.37
CA THR A 46 -7.46 12.63 18.52
C THR A 46 -8.97 12.65 18.70
N ILE A 47 -9.50 11.61 19.34
CA ILE A 47 -10.93 11.53 19.67
C ILE A 47 -11.21 12.40 20.90
N SER A 48 -12.30 13.16 20.86
CA SER A 48 -12.64 14.07 21.96
C SER A 48 -13.71 13.51 22.88
N PHE A 49 -13.51 13.71 24.18
CA PHE A 49 -14.52 13.39 25.18
C PHE A 49 -15.52 14.53 25.28
N THR A 50 -16.80 14.22 25.14
CA THR A 50 -17.85 15.22 25.33
C THR A 50 -18.55 15.05 26.68
N LYS A 51 -18.08 14.06 27.44
CA LYS A 51 -18.51 13.85 28.83
C LYS A 51 -17.26 13.59 29.68
N PRO A 52 -17.33 13.90 30.99
CA PRO A 52 -16.18 13.65 31.86
C PRO A 52 -15.88 12.17 32.02
N TRP A 53 -16.87 11.33 31.73
CA TRP A 53 -16.78 9.89 31.93
C TRP A 53 -16.71 9.14 30.63
N SER A 54 -16.30 9.83 29.56
CA SER A 54 -16.24 9.23 28.22
C SER A 54 -15.18 8.14 28.07
N GLN A 55 -14.15 8.17 28.91
CA GLN A 55 -13.11 7.14 28.91
C GLN A 55 -13.61 5.82 29.52
N GLY A 56 -14.75 5.89 30.22
CA GLY A 56 -15.31 4.72 30.89
C GLY A 56 -14.40 4.21 31.99
N LYS A 57 -14.29 2.88 32.09
CA LYS A 57 -13.39 2.26 33.08
C LYS A 57 -12.07 1.82 32.44
N LEU A 58 -11.76 2.37 31.28
CA LEU A 58 -10.48 2.11 30.63
C LEU A 58 -9.39 2.97 31.24
N SER A 59 -8.22 2.36 31.48
CA SER A 59 -7.05 3.09 31.94
C SER A 59 -6.49 3.93 30.79
N ASN A 60 -5.62 4.89 31.12
CA ASN A 60 -5.00 5.75 30.11
C ASN A 60 -4.25 4.95 29.05
N GLN A 61 -3.55 3.91 29.49
CA GLN A 61 -2.81 3.01 28.60
C GLN A 61 -3.75 2.30 27.62
N GLN A 62 -4.83 1.73 28.15
CA GLN A 62 -5.84 1.03 27.35
C GLN A 62 -6.49 1.95 26.32
N TRP A 63 -6.80 3.17 26.75
CA TRP A 63 -7.41 4.18 25.86
C TRP A 63 -6.48 4.61 24.75
N GLU A 64 -5.21 4.86 25.08
CA GLU A 64 -4.21 5.25 24.09
C GLU A 64 -4.03 4.18 23.01
N LYS A 65 -4.00 2.93 23.42
CA LYS A 65 -3.90 1.80 22.49
C LYS A 65 -5.14 1.71 21.59
N LEU A 66 -6.30 1.98 22.19
CA LEU A 66 -7.57 1.95 21.47
C LEU A 66 -7.70 3.09 20.47
N GLN A 67 -7.43 4.31 20.93
CA GLN A 67 -7.42 5.49 20.06
C GLN A 67 -6.46 5.31 18.88
N HIS A 68 -5.25 4.82 19.18
CA HIS A 68 -4.22 4.63 18.15
C HIS A 68 -4.70 3.76 17.02
N MET A 69 -5.47 2.73 17.36
CA MET A 69 -6.05 1.83 16.36
C MET A 69 -7.03 2.58 15.45
N PHE A 70 -7.85 3.46 16.03
CA PHE A 70 -8.77 4.28 15.26
C PHE A 70 -8.02 5.28 14.38
N GLN A 71 -6.93 5.84 14.92
CA GLN A 71 -6.08 6.78 14.19
C GLN A 71 -5.52 6.14 12.93
N VAL A 72 -5.16 4.86 13.02
CA VAL A 72 -4.70 4.08 11.88
C VAL A 72 -5.88 3.76 10.96
N TYR A 73 -7.02 3.41 11.55
CA TYR A 73 -8.23 3.09 10.80
C TYR A 73 -8.67 4.23 9.87
N ARG A 74 -8.72 5.45 10.40
CA ARG A 74 -9.20 6.59 9.63
C ARG A 74 -8.39 6.85 8.36
N VAL A 75 -7.07 6.79 8.50
CA VAL A 75 -6.17 6.93 7.36
C VAL A 75 -6.36 5.75 6.40
N SER A 76 -6.36 4.54 6.96
CA SER A 76 -6.46 3.32 6.16
C SER A 76 -7.80 3.22 5.42
N PHE A 77 -8.88 3.52 6.13
CA PHE A 77 -10.22 3.55 5.56
C PHE A 77 -10.30 4.50 4.36
N THR A 78 -9.74 5.69 4.51
CA THR A 78 -9.76 6.70 3.46
C THR A 78 -9.08 6.24 2.18
N ARG A 79 -7.88 5.66 2.32
CA ARG A 79 -7.13 5.18 1.17
C ARG A 79 -7.81 3.95 0.55
N ASP A 80 -8.38 3.11 1.39
CA ASP A 80 -9.06 1.88 0.93
C ASP A 80 -10.25 2.18 0.03
N ILE A 81 -11.09 3.13 0.44
CA ILE A 81 -12.25 3.54 -0.35
C ILE A 81 -11.78 4.08 -1.71
N GLN A 82 -10.83 5.01 -1.65
CA GLN A 82 -10.21 5.58 -2.84
C GLN A 82 -9.66 4.52 -3.79
N GLU A 83 -9.09 3.47 -3.22
CA GLU A 83 -8.53 2.36 -4.01
C GLU A 83 -9.63 1.45 -4.56
N LEU A 84 -10.73 1.32 -3.82
CA LEU A 84 -11.87 0.52 -4.29
C LEU A 84 -12.65 1.21 -5.39
N VAL A 85 -12.68 2.55 -5.37
CA VAL A 85 -13.29 3.33 -6.45
C VAL A 85 -12.49 3.15 -7.75
N LYS A 86 -11.16 3.12 -7.63
CA LYS A 86 -10.27 2.81 -8.75
C LYS A 86 -10.52 1.40 -9.29
N MET A 87 -10.89 0.49 -8.39
CA MET A 87 -11.07 -0.92 -8.76
C MET A 87 -12.40 -1.16 -9.48
N MET A 88 -13.40 -0.35 -9.18
CA MET A 88 -14.74 -0.53 -9.77
C MET A 88 -14.95 0.30 -11.03
N SER A 89 -14.15 1.37 -11.19
CA SER A 89 -14.30 2.33 -12.28
C SER A 89 -14.42 1.67 -13.66
N PRO A 90 -15.29 2.22 -14.54
CA PRO A 90 -16.06 3.45 -14.32
C PRO A 90 -17.46 3.24 -13.75
N LYS A 91 -17.71 2.05 -13.19
CA LYS A 91 -19.03 1.69 -12.65
C LYS A 91 -19.49 2.59 -11.50
N GLU A 92 -18.55 2.95 -10.62
CA GLU A 92 -18.84 3.83 -9.49
C GLU A 92 -17.89 5.02 -9.48
N ASP A 93 -18.44 6.19 -9.17
CA ASP A 93 -17.70 7.45 -9.28
C ASP A 93 -18.10 8.45 -8.19
N TYR A 94 -17.19 9.40 -7.91
CA TYR A 94 -17.44 10.47 -6.96
C TYR A 94 -18.51 11.45 -7.48
N PRO A 95 -19.20 12.18 -6.58
CA PRO A 95 -19.11 12.15 -5.12
C PRO A 95 -19.59 10.83 -4.52
N ILE A 96 -18.97 10.43 -3.40
CA ILE A 96 -19.37 9.22 -2.69
C ILE A 96 -19.55 9.51 -1.21
N GLU A 97 -20.64 8.99 -0.65
CA GLU A 97 -20.92 9.12 0.77
C GLU A 97 -20.96 7.74 1.42
N ILE A 98 -20.10 7.53 2.41
CA ILE A 98 -20.10 6.29 3.18
C ILE A 98 -20.40 6.58 4.64
N GLN A 99 -21.25 5.75 5.23
CA GLN A 99 -21.62 5.86 6.63
C GLN A 99 -21.43 4.52 7.33
N LEU A 100 -20.86 4.57 8.53
CA LEU A 100 -20.80 3.39 9.38
C LEU A 100 -21.62 3.60 10.65
N SER A 101 -22.35 2.56 11.03
CA SER A 101 -23.02 2.52 12.32
C SER A 101 -22.52 1.30 13.09
N ALA A 102 -21.62 1.55 14.04
CA ALA A 102 -20.98 0.48 14.80
C ALA A 102 -21.26 0.63 16.29
N GLY A 103 -21.16 -0.49 17.01
CA GLY A 103 -21.39 -0.48 18.44
C GLY A 103 -22.14 -1.69 18.92
N CYS A 104 -22.68 -1.60 20.14
CA CYS A 104 -23.34 -2.74 20.77
C CYS A 104 -24.50 -2.32 21.66
N GLU A 105 -25.50 -3.19 21.77
CA GLU A 105 -26.65 -2.96 22.66
C GLU A 105 -26.53 -3.83 23.91
N MET A 106 -26.67 -3.20 25.08
CA MET A 106 -26.50 -3.90 26.36
C MET A 106 -27.82 -4.38 26.94
N TYR A 107 -27.81 -5.64 27.40
CA TYR A 107 -28.99 -6.26 28.00
C TYR A 107 -28.69 -6.70 29.44
N PRO A 108 -29.75 -6.92 30.26
CA PRO A 108 -29.55 -7.42 31.63
C PRO A 108 -28.82 -8.76 31.65
N GLY A 109 -27.99 -8.95 32.67
CA GLY A 109 -27.06 -10.07 32.73
C GLY A 109 -25.76 -9.68 32.05
N ASN A 110 -25.02 -10.67 31.56
CA ASN A 110 -23.80 -10.41 30.81
C ASN A 110 -24.07 -10.39 29.31
N ALA A 111 -25.33 -10.18 28.94
CA ALA A 111 -25.77 -10.26 27.55
C ALA A 111 -25.57 -8.95 26.79
N SER A 112 -25.04 -9.08 25.57
CA SER A 112 -24.87 -7.96 24.66
C SER A 112 -25.03 -8.43 23.22
N GLU A 113 -25.11 -7.48 22.30
CA GLU A 113 -25.26 -7.79 20.88
C GLU A 113 -24.59 -6.68 20.08
N SER A 114 -23.53 -7.03 19.36
CA SER A 114 -22.75 -6.06 18.59
C SER A 114 -23.23 -5.96 17.15
N PHE A 115 -22.93 -4.82 16.52
CA PHE A 115 -23.29 -4.59 15.12
C PHE A 115 -22.28 -3.68 14.44
N LEU A 116 -22.19 -3.79 13.12
CA LEU A 116 -21.36 -2.89 12.31
C LEU A 116 -22.01 -2.82 10.95
N HIS A 117 -22.73 -1.72 10.72
CA HIS A 117 -23.50 -1.56 9.49
C HIS A 117 -22.88 -0.50 8.64
N VAL A 118 -22.81 -0.76 7.34
CA VAL A 118 -22.21 0.18 6.39
C VAL A 118 -23.24 0.62 5.36
N ALA A 119 -23.31 1.93 5.12
CA ALA A 119 -24.19 2.48 4.09
C ALA A 119 -23.39 3.13 2.97
N PHE A 120 -23.93 3.03 1.76
CA PHE A 120 -23.29 3.58 0.57
C PHE A 120 -24.31 4.43 -0.19
N GLN A 121 -24.00 5.72 -0.35
CA GLN A 121 -24.93 6.70 -0.95
C GLN A 121 -26.29 6.72 -0.24
N GLY A 122 -26.29 6.49 1.07
CA GLY A 122 -27.51 6.56 1.88
C GLY A 122 -28.28 5.26 2.00
N LYS A 123 -27.78 4.20 1.37
CA LYS A 123 -28.43 2.90 1.42
C LYS A 123 -27.57 1.87 2.13
N TYR A 124 -28.18 1.18 3.09
CA TYR A 124 -27.51 0.12 3.85
C TYR A 124 -27.19 -1.07 2.94
N VAL A 125 -25.90 -1.38 2.80
CA VAL A 125 -25.44 -2.40 1.84
C VAL A 125 -24.54 -3.49 2.41
N VAL A 126 -23.71 -3.12 3.38
CA VAL A 126 -22.69 -4.03 3.91
C VAL A 126 -22.75 -4.09 5.44
N ARG A 127 -22.46 -5.26 6.00
CA ARG A 127 -22.26 -5.39 7.43
C ARG A 127 -21.12 -6.35 7.74
N PHE A 128 -20.60 -6.27 8.96
CA PHE A 128 -19.72 -7.31 9.48
C PHE A 128 -20.58 -8.28 10.27
N TRP A 129 -20.51 -9.56 9.90
CA TRP A 129 -21.30 -10.59 10.54
C TRP A 129 -20.49 -11.83 10.76
N GLY A 130 -20.38 -12.22 12.03
CA GLY A 130 -19.67 -13.43 12.40
C GLY A 130 -18.18 -13.26 12.34
N THR A 131 -17.59 -13.63 11.20
CA THR A 131 -16.14 -13.58 11.01
C THR A 131 -15.74 -12.85 9.73
N SER A 132 -16.73 -12.38 8.97
CA SER A 132 -16.45 -11.77 7.67
C SER A 132 -17.41 -10.63 7.31
N TRP A 133 -17.05 -9.88 6.27
CA TRP A 133 -17.95 -8.92 5.65
C TRP A 133 -18.92 -9.64 4.75
N GLN A 134 -20.14 -9.15 4.70
CA GLN A 134 -21.17 -9.69 3.80
C GLN A 134 -22.12 -8.57 3.35
N THR A 135 -22.72 -8.77 2.19
CA THR A 135 -23.75 -7.84 1.70
C THR A 135 -25.11 -8.22 2.26
N VAL A 136 -25.94 -7.21 2.54
CA VAL A 136 -27.30 -7.43 2.98
C VAL A 136 -28.25 -7.53 1.77
N PRO A 137 -29.46 -8.11 1.97
CA PRO A 137 -30.45 -8.15 0.89
C PRO A 137 -30.72 -6.77 0.29
N GLY A 138 -30.77 -6.71 -1.05
CA GLY A 138 -31.03 -5.45 -1.76
C GLY A 138 -29.79 -4.78 -2.31
N ALA A 139 -28.62 -5.22 -1.85
CA ALA A 139 -27.33 -4.67 -2.28
C ALA A 139 -27.03 -5.01 -3.74
N PRO A 140 -26.42 -4.08 -4.48
CA PRO A 140 -26.02 -4.33 -5.86
C PRO A 140 -24.85 -5.31 -5.95
N SER A 141 -24.86 -6.16 -6.97
CA SER A 141 -23.90 -7.27 -7.10
C SER A 141 -22.44 -6.86 -7.22
N TRP A 142 -22.18 -5.64 -7.72
CA TRP A 142 -20.80 -5.19 -7.95
C TRP A 142 -19.98 -5.12 -6.69
N LEU A 143 -20.68 -4.96 -5.56
CA LEU A 143 -20.05 -4.95 -4.24
C LEU A 143 -19.36 -6.28 -3.86
N ASP A 144 -19.68 -7.35 -4.60
CA ASP A 144 -19.06 -8.65 -4.35
C ASP A 144 -17.53 -8.63 -4.51
N LEU A 145 -17.02 -7.75 -5.37
CA LEU A 145 -15.57 -7.61 -5.52
C LEU A 145 -14.93 -6.90 -4.32
N PRO A 146 -15.44 -5.70 -3.95
CA PRO A 146 -15.00 -5.10 -2.68
C PRO A 146 -15.06 -6.06 -1.49
N ILE A 147 -16.16 -6.80 -1.35
CA ILE A 147 -16.33 -7.73 -0.24
C ILE A 147 -15.28 -8.87 -0.26
N LYS A 148 -15.01 -9.40 -1.45
CA LYS A 148 -13.98 -10.43 -1.60
C LYS A 148 -12.59 -9.89 -1.21
N VAL A 149 -12.35 -8.61 -1.51
CA VAL A 149 -11.08 -7.96 -1.21
C VAL A 149 -10.92 -7.70 0.29
N LEU A 150 -11.97 -7.19 0.92
CA LEU A 150 -11.94 -6.91 2.36
C LEU A 150 -11.83 -8.20 3.19
N ASN A 151 -12.46 -9.27 2.71
CA ASN A 151 -12.40 -10.57 3.38
C ASN A 151 -11.09 -11.33 3.16
N ALA A 152 -10.24 -10.79 2.29
CA ALA A 152 -8.90 -11.35 2.09
C ALA A 152 -7.96 -10.88 3.19
N ASP A 153 -8.31 -9.74 3.80
CA ASP A 153 -7.53 -9.11 4.86
C ASP A 153 -7.83 -9.76 6.22
N GLN A 154 -7.08 -10.80 6.55
CA GLN A 154 -7.32 -11.61 7.76
C GLN A 154 -7.08 -10.84 9.06
N GLY A 155 -6.09 -9.94 9.03
CA GLY A 155 -5.75 -9.12 10.19
C GLY A 155 -6.86 -8.17 10.59
N THR A 156 -7.49 -7.54 9.60
CA THR A 156 -8.63 -6.66 9.84
C THR A 156 -9.80 -7.45 10.44
N SER A 157 -10.03 -8.63 9.88
CA SER A 157 -11.09 -9.52 10.36
C SER A 157 -10.95 -9.85 11.84
N ALA A 158 -9.75 -10.26 12.24
CA ALA A 158 -9.46 -10.62 13.63
C ALA A 158 -9.63 -9.41 14.56
N THR A 159 -9.19 -8.24 14.10
CA THR A 159 -9.31 -7.00 14.87
C THR A 159 -10.78 -6.63 15.08
N VAL A 160 -11.56 -6.60 14.00
CA VAL A 160 -12.98 -6.28 14.07
C VAL A 160 -13.75 -7.28 14.94
N GLN A 161 -13.45 -8.57 14.79
CA GLN A 161 -14.05 -9.61 15.64
C GLN A 161 -13.83 -9.33 17.12
N MET A 162 -12.59 -9.02 17.49
CA MET A 162 -12.23 -8.71 18.87
C MET A 162 -12.89 -7.41 19.32
N LEU A 163 -13.02 -6.46 18.39
CA LEU A 163 -13.58 -5.15 18.67
C LEU A 163 -15.08 -5.24 18.98
N LEU A 164 -15.78 -6.06 18.22
CA LEU A 164 -17.23 -6.25 18.38
C LEU A 164 -17.57 -7.21 19.52
N ASN A 165 -16.93 -8.38 19.54
CA ASN A 165 -17.21 -9.40 20.55
C ASN A 165 -16.81 -8.99 21.96
N ASP A 166 -15.61 -8.40 22.08
CA ASP A 166 -15.00 -8.19 23.39
C ASP A 166 -14.93 -6.73 23.83
N THR A 167 -14.29 -5.89 23.02
CA THR A 167 -14.01 -4.49 23.39
C THR A 167 -15.27 -3.65 23.63
N CYS A 168 -16.24 -3.72 22.72
CA CYS A 168 -17.45 -2.91 22.83
C CYS A 168 -18.22 -3.15 24.13
N PRO A 169 -18.70 -4.40 24.37
CA PRO A 169 -19.47 -4.63 25.60
C PRO A 169 -18.67 -4.32 26.87
N LEU A 170 -17.39 -4.68 26.88
CA LEU A 170 -16.51 -4.35 28.01
C LEU A 170 -16.50 -2.85 28.26
N PHE A 171 -16.24 -2.08 27.21
CA PHE A 171 -16.14 -0.62 27.28
C PHE A 171 -17.45 0.03 27.71
N VAL A 172 -18.57 -0.49 27.20
CA VAL A 172 -19.88 0.08 27.49
C VAL A 172 -20.34 -0.25 28.92
N ARG A 173 -20.01 -1.45 29.41
CA ARG A 173 -20.25 -1.79 30.81
C ARG A 173 -19.55 -0.79 31.72
N GLY A 174 -18.35 -0.38 31.33
CA GLY A 174 -17.59 0.63 32.04
C GLY A 174 -18.22 2.01 31.95
N LEU A 175 -18.73 2.34 30.77
CA LEU A 175 -19.41 3.62 30.55
C LEU A 175 -20.64 3.77 31.43
N LEU A 176 -21.45 2.71 31.51
CA LEU A 176 -22.69 2.72 32.27
C LEU A 176 -22.46 2.92 33.77
N GLU A 177 -21.32 2.48 34.26
CA GLU A 177 -20.92 2.73 35.64
C GLU A 177 -20.47 4.16 35.83
N ALA A 178 -19.52 4.59 34.98
CA ALA A 178 -18.88 5.91 35.11
C ALA A 178 -19.83 7.09 34.92
N GLY A 179 -20.86 6.89 34.08
CA GLY A 179 -21.79 7.97 33.77
C GLY A 179 -23.20 7.76 34.27
N LYS A 180 -23.33 6.99 35.36
CA LYS A 180 -24.63 6.67 35.96
C LYS A 180 -25.45 7.93 36.28
N SER A 181 -24.80 8.91 36.88
CA SER A 181 -25.45 10.19 37.22
C SER A 181 -26.11 10.84 36.02
N ASP A 182 -25.34 11.09 34.97
CA ASP A 182 -25.85 11.73 33.75
C ASP A 182 -26.96 10.91 33.09
N LEU A 183 -26.75 9.60 32.98
CA LEU A 183 -27.70 8.71 32.31
C LEU A 183 -29.03 8.64 33.04
N GLU A 184 -28.97 8.70 34.38
CA GLU A 184 -30.17 8.58 35.21
C GLU A 184 -30.68 9.93 35.73
N LYS A 185 -30.23 11.01 35.10
CA LYS A 185 -30.64 12.37 35.49
C LYS A 185 -32.12 12.60 35.20
N GLN A 186 -32.75 13.41 36.05
CA GLN A 186 -34.16 13.76 35.89
C GLN A 186 -34.34 15.28 35.79
N GLU A 187 -34.74 15.74 34.61
CA GLU A 187 -34.94 17.18 34.36
C GLU A 187 -36.42 17.49 34.15
N LYS A 188 -36.91 18.48 34.88
CA LYS A 188 -38.33 18.84 34.87
C LYS A 188 -38.77 19.54 33.58
N PRO A 189 -39.90 19.09 32.99
CA PRO A 189 -40.47 19.78 31.84
C PRO A 189 -41.13 21.10 32.25
N VAL A 190 -41.19 22.03 31.31
CA VAL A 190 -41.87 23.31 31.50
C VAL A 190 -42.84 23.48 30.33
N ALA A 191 -44.08 23.84 30.62
CA ALA A 191 -45.11 23.94 29.60
C ALA A 191 -45.64 25.35 29.38
N TRP A 192 -46.11 25.62 28.17
CA TRP A 192 -46.81 26.87 27.84
C TRP A 192 -47.74 26.69 26.66
N LEU A 193 -48.79 27.51 26.62
CA LEU A 193 -49.83 27.36 25.60
C LEU A 193 -49.82 28.49 24.57
N SER A 194 -50.32 28.18 23.38
CA SER A 194 -50.40 29.15 22.27
C SER A 194 -51.41 28.68 21.23
N SER A 195 -51.86 29.61 20.38
CA SER A 195 -52.86 29.30 19.36
C SER A 195 -52.56 29.93 18.00
N VAL A 196 -52.86 29.17 16.94
CA VAL A 196 -52.67 29.65 15.56
C VAL A 196 -53.97 29.55 14.75
N PRO A 197 -54.17 30.47 13.79
CA PRO A 197 -55.35 30.38 12.91
C PRO A 197 -55.05 29.61 11.62
N ARG A 204 -59.22 26.81 14.49
CA ARG A 204 -57.96 27.23 15.12
C ARG A 204 -57.26 26.06 15.80
N GLN A 205 -55.92 26.08 15.77
CA GLN A 205 -55.11 25.01 16.36
C GLN A 205 -54.43 25.45 17.66
N LEU A 206 -54.75 24.74 18.74
CA LEU A 206 -54.14 24.97 20.05
C LEU A 206 -52.86 24.15 20.18
N VAL A 207 -51.84 24.76 20.78
CA VAL A 207 -50.53 24.13 20.90
C VAL A 207 -50.06 24.09 22.35
N CYS A 208 -49.73 22.89 22.82
CA CYS A 208 -49.15 22.73 24.15
C CYS A 208 -47.66 22.42 24.02
N HIS A 209 -46.83 23.36 24.45
CA HIS A 209 -45.38 23.24 24.36
C HIS A 209 -44.82 22.64 25.61
N VAL A 210 -44.03 21.58 25.45
CA VAL A 210 -43.34 20.96 26.58
C VAL A 210 -41.85 20.92 26.28
N SER A 211 -41.04 21.51 27.16
CA SER A 211 -39.60 21.65 26.91
C SER A 211 -38.74 21.57 28.17
N GLY A 212 -37.61 20.89 28.04
CA GLY A 212 -36.61 20.83 29.11
C GLY A 212 -36.55 19.54 29.91
N PHE A 213 -37.25 18.51 29.43
CA PHE A 213 -37.36 17.24 30.16
C PHE A 213 -36.32 16.18 29.74
N TYR A 214 -35.85 15.44 30.75
CA TYR A 214 -35.03 14.26 30.54
C TYR A 214 -35.36 13.21 31.61
N PRO A 215 -35.51 11.92 31.21
CA PRO A 215 -35.30 11.35 29.88
C PRO A 215 -36.46 11.58 28.90
N LYS A 216 -36.36 10.96 27.72
CA LYS A 216 -37.30 11.18 26.62
C LYS A 216 -38.76 10.76 26.88
N PRO A 217 -39.01 9.58 27.49
CA PRO A 217 -40.41 9.18 27.76
C PRO A 217 -41.23 10.29 28.41
N VAL A 218 -42.34 10.66 27.75
CA VAL A 218 -43.24 11.70 28.25
C VAL A 218 -44.67 11.46 27.74
N TRP A 219 -45.64 11.95 28.50
CA TRP A 219 -47.05 11.82 28.15
C TRP A 219 -47.70 13.17 28.12
N VAL A 220 -48.21 13.54 26.94
CA VAL A 220 -48.85 14.86 26.76
C VAL A 220 -50.19 14.72 26.05
N MET A 221 -51.25 15.21 26.70
CA MET A 221 -52.61 15.10 26.17
C MET A 221 -53.44 16.32 26.53
N TRP A 222 -54.26 16.77 25.57
CA TRP A 222 -55.23 17.84 25.82
C TRP A 222 -56.43 17.30 26.53
N MET A 223 -56.87 18.01 27.56
CA MET A 223 -57.95 17.54 28.42
C MET A 223 -59.13 18.51 28.47
N ARG A 224 -60.34 17.98 28.33
CA ARG A 224 -61.56 18.72 28.63
C ARG A 224 -62.11 18.20 29.96
N GLY A 225 -61.66 18.80 31.05
CA GLY A 225 -61.99 18.34 32.39
C GLY A 225 -61.19 17.10 32.76
N ASP A 226 -61.82 15.93 32.59
CA ASP A 226 -61.20 14.65 32.88
C ASP A 226 -61.26 13.70 31.67
N GLN A 227 -61.69 14.24 30.53
CA GLN A 227 -61.82 13.45 29.30
C GLN A 227 -60.70 13.78 28.31
N GLU A 228 -59.94 12.76 27.94
CA GLU A 228 -58.82 12.90 26.99
C GLU A 228 -59.34 13.20 25.59
N GLN A 229 -58.77 14.21 24.95
CA GLN A 229 -59.15 14.55 23.58
C GLN A 229 -58.53 13.58 22.59
N GLN A 230 -59.38 13.01 21.73
CA GLN A 230 -58.95 12.04 20.74
C GLN A 230 -58.15 12.67 19.60
N GLY A 231 -58.46 13.93 19.28
CA GLY A 231 -57.82 14.65 18.18
C GLY A 231 -56.39 15.09 18.43
N THR A 232 -55.93 14.96 19.68
CA THR A 232 -54.58 15.36 20.08
C THR A 232 -53.51 14.67 19.23
N HIS A 233 -52.77 15.48 18.48
CA HIS A 233 -51.66 14.99 17.67
C HIS A 233 -50.35 15.43 18.27
N ARG A 234 -49.56 14.46 18.70
CA ARG A 234 -48.23 14.72 19.23
C ARG A 234 -47.22 14.88 18.10
N GLY A 235 -46.40 15.91 18.18
CA GLY A 235 -45.31 16.12 17.22
C GLY A 235 -44.10 15.27 17.57
N ASP A 236 -43.04 15.42 16.78
CA ASP A 236 -41.82 14.65 17.00
C ASP A 236 -41.01 15.16 18.20
N PHE A 237 -40.14 14.32 18.73
CA PHE A 237 -39.21 14.74 19.79
C PHE A 237 -38.08 15.57 19.19
N LEU A 238 -38.03 16.84 19.59
CA LEU A 238 -37.01 17.77 19.09
C LEU A 238 -36.01 18.07 20.20
N PRO A 239 -34.70 18.09 19.88
CA PRO A 239 -33.68 18.26 20.92
C PRO A 239 -33.37 19.71 21.27
N ASN A 240 -32.97 19.93 22.52
CA ASN A 240 -32.40 21.20 22.95
C ASN A 240 -30.87 21.08 23.02
N ALA A 241 -30.18 22.21 23.11
CA ALA A 241 -28.72 22.22 23.18
C ALA A 241 -28.19 21.53 24.44
N ASP A 242 -28.85 21.78 25.58
CA ASP A 242 -28.41 21.26 26.88
C ASP A 242 -28.80 19.80 27.13
N GLU A 243 -29.02 19.07 26.05
CA GLU A 243 -29.38 17.63 26.09
C GLU A 243 -30.66 17.36 26.88
N THR A 244 -31.66 18.22 26.65
CA THR A 244 -33.02 17.99 27.13
C THR A 244 -33.92 17.92 25.91
N TRP A 245 -35.20 17.62 26.10
CA TRP A 245 -36.11 17.40 24.99
C TRP A 245 -37.20 18.43 24.86
N TYR A 246 -37.76 18.49 23.65
CA TYR A 246 -38.86 19.39 23.32
C TYR A 246 -39.90 18.60 22.54
N LEU A 247 -41.18 18.83 22.87
CA LEU A 247 -42.30 18.20 22.18
C LEU A 247 -43.54 19.07 22.31
N GLN A 248 -44.27 19.23 21.20
CA GLN A 248 -45.54 19.95 21.21
C GLN A 248 -46.70 19.07 20.75
N ALA A 249 -47.83 19.22 21.44
CA ALA A 249 -49.05 18.50 21.09
C ALA A 249 -50.14 19.48 20.64
N THR A 250 -50.64 19.28 19.43
CA THR A 250 -51.64 20.17 18.84
C THR A 250 -53.06 19.58 18.91
N LEU A 251 -54.06 20.47 18.92
CA LEU A 251 -55.47 20.07 18.91
C LEU A 251 -56.28 21.03 18.05
N ASP A 252 -56.95 20.51 17.04
CA ASP A 252 -57.81 21.30 16.16
C ASP A 252 -59.18 21.46 16.78
N VAL A 253 -59.57 22.71 17.03
CA VAL A 253 -60.88 23.03 17.60
C VAL A 253 -61.55 24.23 16.91
N GLU A 254 -62.88 24.26 16.95
CA GLU A 254 -63.66 25.37 16.43
C GLU A 254 -63.59 26.56 17.39
N ALA A 255 -63.42 27.76 16.83
CA ALA A 255 -63.29 28.98 17.63
C ALA A 255 -64.49 29.20 18.57
N GLY A 256 -64.18 29.59 19.80
CA GLY A 256 -65.21 29.77 20.84
C GLY A 256 -65.22 28.64 21.86
N GLU A 257 -64.71 27.48 21.45
CA GLU A 257 -64.67 26.28 22.31
C GLU A 257 -63.39 26.19 23.13
N GLU A 258 -62.64 27.29 23.20
CA GLU A 258 -61.36 27.36 23.91
C GLU A 258 -61.49 27.12 25.40
N ALA A 259 -62.55 27.66 26.00
CA ALA A 259 -62.79 27.54 27.44
C ALA A 259 -63.05 26.09 27.85
N GLY A 260 -62.37 25.66 28.92
CA GLY A 260 -62.54 24.31 29.47
C GLY A 260 -61.48 23.32 29.03
N LEU A 261 -60.54 23.79 28.21
CA LEU A 261 -59.45 22.94 27.73
C LEU A 261 -58.18 23.15 28.54
N ALA A 262 -57.51 22.04 28.85
CA ALA A 262 -56.26 22.08 29.62
C ALA A 262 -55.22 21.14 29.00
N CYS A 263 -53.96 21.32 29.41
CA CYS A 263 -52.89 20.43 28.97
C CYS A 263 -52.27 19.73 30.18
N ARG A 264 -52.37 18.40 30.20
CA ARG A 264 -51.80 17.58 31.27
C ARG A 264 -50.52 16.91 30.80
N VAL A 265 -49.47 17.06 31.58
CA VAL A 265 -48.16 16.51 31.25
C VAL A 265 -47.66 15.60 32.36
N LYS A 266 -47.43 14.33 32.01
CA LYS A 266 -46.84 13.35 32.92
C LYS A 266 -45.38 13.12 32.56
N HIS A 267 -44.50 13.14 33.56
CA HIS A 267 -43.08 12.86 33.37
C HIS A 267 -42.42 12.37 34.64
N SER A 268 -41.49 11.43 34.47
CA SER A 268 -40.79 10.78 35.59
C SER A 268 -40.13 11.73 36.60
N SER A 269 -39.86 12.97 36.18
CA SER A 269 -39.16 13.94 37.03
C SER A 269 -40.11 14.69 37.95
N LEU A 270 -41.37 14.83 37.52
CA LEU A 270 -42.38 15.55 38.28
C LEU A 270 -42.81 14.80 39.54
N GLY A 271 -42.68 13.47 39.50
CA GLY A 271 -42.99 12.60 40.63
C GLY A 271 -44.41 12.78 41.14
N GLY A 272 -45.37 12.34 40.33
CA GLY A 272 -46.78 12.39 40.72
C GLY A 272 -47.49 13.67 40.32
N GLN A 273 -47.00 14.79 40.83
CA GLN A 273 -47.58 16.10 40.56
C GLN A 273 -47.45 16.50 39.09
N ASP A 274 -48.42 16.06 38.29
CA ASP A 274 -48.47 16.37 36.86
C ASP A 274 -48.65 17.85 36.61
N ILE A 275 -48.04 18.36 35.55
CA ILE A 275 -48.19 19.76 35.16
C ILE A 275 -49.54 19.97 34.51
N ILE A 276 -50.38 20.79 35.16
CA ILE A 276 -51.71 21.09 34.64
C ILE A 276 -51.77 22.57 34.23
N LEU A 277 -52.20 22.82 33.00
CA LEU A 277 -52.14 24.16 32.45
C LEU A 277 -53.43 24.53 31.71
N TYR A 278 -54.23 25.38 32.34
CA TYR A 278 -55.53 25.78 31.80
C TYR A 278 -55.41 26.94 30.81
N TRP A 279 -56.18 26.84 29.72
CA TRP A 279 -56.25 27.89 28.71
C TRP A 279 -57.09 29.04 29.19
N GLN B 2 -31.72 12.33 -3.69
CA GLN B 2 -31.60 13.43 -2.69
C GLN B 2 -32.80 13.50 -1.75
N LYS B 3 -32.55 13.88 -0.50
CA LYS B 3 -33.60 14.10 0.49
C LYS B 3 -33.72 15.59 0.79
N THR B 4 -34.93 16.12 0.70
CA THR B 4 -35.20 17.54 0.97
C THR B 4 -35.33 17.82 2.48
N PRO B 5 -34.58 18.81 3.00
CA PRO B 5 -34.46 19.01 4.45
C PRO B 5 -35.70 19.60 5.11
N GLN B 6 -35.99 19.14 6.32
CA GLN B 6 -37.09 19.66 7.13
C GLN B 6 -36.55 20.60 8.21
N ILE B 7 -37.09 21.81 8.28
CA ILE B 7 -36.64 22.84 9.23
C ILE B 7 -37.70 23.10 10.29
N GLN B 8 -37.28 23.12 11.56
CA GLN B 8 -38.19 23.40 12.67
C GLN B 8 -37.58 24.40 13.67
N VAL B 9 -38.25 25.55 13.83
CA VAL B 9 -37.76 26.62 14.70
C VAL B 9 -38.61 26.70 15.97
N TYR B 10 -37.94 26.66 17.13
CA TYR B 10 -38.61 26.60 18.43
C TYR B 10 -37.70 27.12 19.57
N SER B 11 -38.32 27.64 20.63
CA SER B 11 -37.58 28.22 21.76
C SER B 11 -37.35 27.22 22.90
N ARG B 12 -36.22 27.38 23.60
CA ARG B 12 -35.85 26.53 24.73
C ARG B 12 -36.79 26.75 25.93
N HIS B 13 -37.02 28.00 26.27
CA HIS B 13 -37.91 28.38 27.37
C HIS B 13 -39.14 29.03 26.80
N PRO B 14 -40.22 29.16 27.62
CA PRO B 14 -41.42 29.88 27.17
C PRO B 14 -41.12 31.33 26.76
N PRO B 15 -41.56 31.74 25.56
CA PRO B 15 -41.18 33.03 25.00
C PRO B 15 -41.90 34.21 25.65
N GLU B 16 -41.12 35.07 26.29
CA GLU B 16 -41.64 36.26 26.95
C GLU B 16 -40.83 37.49 26.52
N ASN B 17 -41.52 38.51 26.02
CA ASN B 17 -40.87 39.72 25.50
C ASN B 17 -39.91 40.38 26.48
N GLY B 18 -38.73 40.73 25.99
CA GLY B 18 -37.71 41.40 26.81
C GLY B 18 -36.86 40.48 27.67
N LYS B 19 -37.20 39.18 27.67
CA LYS B 19 -36.46 38.20 28.47
C LYS B 19 -35.56 37.31 27.59
N PRO B 20 -34.23 37.39 27.80
CA PRO B 20 -33.24 36.55 27.12
C PRO B 20 -33.58 35.06 27.13
N ASN B 21 -33.30 34.39 26.03
CA ASN B 21 -33.76 33.03 25.76
C ASN B 21 -32.82 32.40 24.71
N ILE B 22 -33.03 31.12 24.38
CA ILE B 22 -32.29 30.47 23.31
C ILE B 22 -33.24 29.98 22.22
N LEU B 23 -32.97 30.35 20.97
CA LEU B 23 -33.75 29.90 19.82
C LEU B 23 -33.05 28.73 19.13
N ASN B 24 -33.82 27.67 18.85
CA ASN B 24 -33.29 26.47 18.22
C ASN B 24 -33.80 26.31 16.80
N CYS B 25 -32.93 25.83 15.92
CA CYS B 25 -33.30 25.45 14.56
C CYS B 25 -32.85 24.02 14.28
N TYR B 26 -33.82 23.14 14.06
CA TYR B 26 -33.55 21.71 13.90
C TYR B 26 -33.75 21.27 12.45
N VAL B 27 -32.63 21.01 11.78
CA VAL B 27 -32.64 20.61 10.37
C VAL B 27 -32.44 19.09 10.28
N THR B 28 -33.35 18.42 9.57
CA THR B 28 -33.40 16.95 9.54
C THR B 28 -33.71 16.38 8.15
N GLN B 29 -33.59 15.06 8.05
CA GLN B 29 -33.97 14.27 6.87
C GLN B 29 -33.38 14.76 5.54
N PHE B 30 -32.07 15.01 5.53
CA PHE B 30 -31.38 15.45 4.32
C PHE B 30 -30.15 14.59 3.98
N HIS B 31 -29.91 14.42 2.69
CA HIS B 31 -28.67 13.84 2.18
C HIS B 31 -28.45 14.33 0.78
N PRO B 32 -27.18 14.65 0.42
CA PRO B 32 -25.90 14.53 1.14
C PRO B 32 -25.77 15.45 2.36
N PRO B 33 -24.77 15.19 3.24
CA PRO B 33 -24.61 15.94 4.50
C PRO B 33 -24.17 17.39 4.37
N HIS B 34 -23.65 17.80 3.21
CA HIS B 34 -23.20 19.19 3.04
C HIS B 34 -24.36 20.14 3.00
N ILE B 35 -24.39 21.04 3.98
CA ILE B 35 -25.51 21.95 4.17
C ILE B 35 -25.05 23.32 4.69
N GLU B 36 -25.84 24.36 4.44
CA GLU B 36 -25.55 25.69 5.00
C GLU B 36 -26.74 26.14 5.86
N ILE B 37 -26.47 26.41 7.13
CA ILE B 37 -27.52 26.83 8.05
C ILE B 37 -27.20 28.20 8.65
N GLN B 38 -28.13 29.13 8.47
CA GLN B 38 -28.01 30.46 9.03
C GLN B 38 -29.22 30.74 9.91
N MET B 39 -28.99 31.48 10.99
CA MET B 39 -30.10 31.96 11.81
C MET B 39 -30.22 33.48 11.66
N LEU B 40 -31.38 33.91 11.19
CA LEU B 40 -31.59 35.31 10.83
C LEU B 40 -32.45 36.08 11.84
N LYS B 41 -32.01 37.30 12.15
CA LYS B 41 -32.81 38.25 12.90
C LYS B 41 -33.10 39.42 11.97
N ASN B 42 -34.40 39.65 11.73
CA ASN B 42 -34.87 40.69 10.79
C ASN B 42 -34.23 40.53 9.41
N GLY B 43 -33.93 39.29 9.04
CA GLY B 43 -33.31 38.98 7.75
C GLY B 43 -31.80 39.10 7.72
N LYS B 44 -31.21 39.43 8.86
CA LYS B 44 -29.75 39.59 8.97
C LYS B 44 -29.13 38.46 9.78
N LYS B 45 -27.95 38.01 9.33
CA LYS B 45 -27.25 36.90 9.97
C LYS B 45 -26.83 37.22 11.41
N ILE B 46 -27.27 36.39 12.35
CA ILE B 46 -26.88 36.50 13.75
C ILE B 46 -25.41 36.05 13.88
N PRO B 47 -24.57 36.86 14.54
CA PRO B 47 -23.13 36.58 14.62
C PRO B 47 -22.77 35.28 15.34
N LYS B 48 -23.26 35.11 16.57
CA LYS B 48 -22.86 33.96 17.39
C LYS B 48 -23.88 32.81 17.33
N VAL B 49 -23.74 31.97 16.32
CA VAL B 49 -24.61 30.79 16.16
C VAL B 49 -23.82 29.52 16.38
N GLU B 50 -24.19 28.76 17.42
CA GLU B 50 -23.51 27.51 17.75
C GLU B 50 -24.13 26.33 17.03
N MET B 51 -23.27 25.40 16.61
CA MET B 51 -23.69 24.19 15.90
C MET B 51 -23.33 22.95 16.68
N SER B 52 -24.29 22.05 16.85
CA SER B 52 -24.01 20.73 17.38
C SER B 52 -23.34 19.93 16.28
N ASP B 53 -22.58 18.90 16.67
CA ASP B 53 -21.98 18.00 15.71
C ASP B 53 -23.06 17.34 14.87
N MET B 54 -22.80 17.18 13.57
CA MET B 54 -23.73 16.49 12.70
C MET B 54 -23.76 15.00 13.00
N SER B 55 -24.97 14.44 13.02
CA SER B 55 -25.17 13.03 13.28
C SER B 55 -26.25 12.51 12.32
N PHE B 56 -26.56 11.23 12.40
CA PHE B 56 -27.65 10.67 11.60
C PHE B 56 -28.51 9.64 12.35
N SER B 57 -29.77 9.51 11.92
CA SER B 57 -30.72 8.58 12.53
C SER B 57 -30.54 7.15 12.03
N LYS B 58 -31.43 6.25 12.46
CA LYS B 58 -31.42 4.85 12.03
C LYS B 58 -31.70 4.69 10.53
N ASP B 59 -32.45 5.63 9.96
CA ASP B 59 -32.78 5.60 8.54
C ASP B 59 -31.71 6.28 7.66
N TRP B 60 -30.54 6.51 8.24
CA TRP B 60 -29.36 7.07 7.54
C TRP B 60 -29.46 8.52 7.13
N SER B 61 -30.61 9.14 7.40
CA SER B 61 -30.79 10.57 7.14
C SER B 61 -30.05 11.39 8.18
N PHE B 62 -29.48 12.51 7.73
CA PHE B 62 -28.71 13.39 8.61
C PHE B 62 -29.57 14.39 9.37
N TYR B 63 -29.07 14.80 10.54
CA TYR B 63 -29.67 15.88 11.31
C TYR B 63 -28.60 16.72 11.99
N ILE B 64 -28.96 17.97 12.32
CA ILE B 64 -28.07 18.88 13.01
C ILE B 64 -28.90 19.95 13.73
N LEU B 65 -28.43 20.37 14.90
CA LEU B 65 -29.11 21.38 15.68
C LEU B 65 -28.31 22.68 15.75
N ALA B 66 -28.89 23.75 15.22
CA ALA B 66 -28.34 25.08 15.38
C ALA B 66 -29.09 25.80 16.49
N HIS B 67 -28.38 26.61 17.26
CA HIS B 67 -28.99 27.40 18.33
C HIS B 67 -28.23 28.65 18.62
N THR B 68 -28.93 29.65 19.13
CA THR B 68 -28.34 30.94 19.48
C THR B 68 -29.16 31.65 20.56
N GLU B 69 -28.51 32.52 21.31
CA GLU B 69 -29.19 33.37 22.29
C GLU B 69 -29.97 34.46 21.57
N PHE B 70 -31.18 34.74 22.05
CA PHE B 70 -32.01 35.78 21.47
C PHE B 70 -32.98 36.36 22.50
N THR B 71 -33.33 37.63 22.31
CA THR B 71 -34.37 38.25 23.12
C THR B 71 -35.58 38.56 22.23
N PRO B 72 -36.69 37.82 22.45
CA PRO B 72 -37.91 38.03 21.65
C PRO B 72 -38.59 39.37 22.00
N THR B 73 -39.06 40.07 20.96
CA THR B 73 -39.80 41.33 21.15
C THR B 73 -41.07 41.32 20.32
N GLU B 74 -41.95 42.28 20.59
CA GLU B 74 -43.18 42.44 19.82
C GLU B 74 -42.90 42.75 18.34
N THR B 75 -41.72 43.31 18.07
CA THR B 75 -41.37 43.81 16.75
C THR B 75 -40.45 42.90 15.92
N ASP B 76 -39.41 42.34 16.55
CA ASP B 76 -38.38 41.57 15.84
C ASP B 76 -38.87 40.23 15.28
N THR B 77 -38.39 39.90 14.08
CA THR B 77 -38.66 38.61 13.45
C THR B 77 -37.41 37.73 13.42
N TYR B 78 -37.61 36.44 13.63
CA TYR B 78 -36.51 35.48 13.66
C TYR B 78 -36.73 34.33 12.69
N ALA B 79 -35.68 33.94 12.00
CA ALA B 79 -35.77 32.92 10.95
C ALA B 79 -34.59 31.96 10.94
N CYS B 80 -34.76 30.85 10.22
CA CYS B 80 -33.67 29.90 9.97
C CYS B 80 -33.60 29.58 8.49
N ARG B 81 -32.55 30.07 7.83
CA ARG B 81 -32.36 29.90 6.39
C ARG B 81 -31.42 28.73 6.10
N VAL B 82 -31.84 27.87 5.18
CA VAL B 82 -31.10 26.65 4.84
C VAL B 82 -30.87 26.53 3.34
N LYS B 83 -29.60 26.36 2.97
CA LYS B 83 -29.24 26.06 1.58
C LYS B 83 -28.74 24.61 1.47
N HIS B 84 -29.31 23.87 0.54
CA HIS B 84 -28.97 22.46 0.31
C HIS B 84 -29.10 22.12 -1.14
N ALA B 85 -28.28 21.18 -1.61
CA ALA B 85 -28.26 20.77 -3.01
C ALA B 85 -29.63 20.34 -3.56
N SER B 86 -30.43 19.70 -2.70
CA SER B 86 -31.75 19.19 -3.08
C SER B 86 -32.76 20.29 -3.43
N MET B 87 -32.45 21.53 -3.04
CA MET B 87 -33.35 22.65 -3.28
C MET B 87 -32.71 23.67 -4.24
N ALA B 88 -33.48 24.09 -5.23
CA ALA B 88 -33.04 25.09 -6.20
C ALA B 88 -32.89 26.46 -5.55
N GLU B 89 -33.82 26.76 -4.64
CA GLU B 89 -33.82 28.02 -3.90
C GLU B 89 -33.73 27.74 -2.40
N PRO B 90 -32.94 28.56 -1.67
CA PRO B 90 -32.82 28.47 -0.20
C PRO B 90 -34.17 28.51 0.51
N LYS B 91 -34.32 27.70 1.54
CA LYS B 91 -35.56 27.57 2.30
C LYS B 91 -35.46 28.34 3.61
N THR B 92 -36.45 29.19 3.86
CA THR B 92 -36.49 30.02 5.06
C THR B 92 -37.73 29.72 5.89
N VAL B 93 -37.52 29.25 7.12
CA VAL B 93 -38.61 28.98 8.03
C VAL B 93 -38.60 30.02 9.16
N TYR B 94 -39.69 30.77 9.27
CA TYR B 94 -39.81 31.82 10.27
C TYR B 94 -40.29 31.26 11.62
N TRP B 95 -39.80 31.88 12.68
CA TRP B 95 -40.23 31.55 14.03
C TRP B 95 -41.56 32.17 14.31
N ASP B 96 -42.49 31.33 14.77
CA ASP B 96 -43.79 31.78 15.21
C ASP B 96 -43.91 31.47 16.70
N ARG B 97 -44.13 32.52 17.50
CA ARG B 97 -44.30 32.38 18.95
C ARG B 97 -45.47 31.45 19.28
N ASP B 98 -46.50 31.49 18.43
CA ASP B 98 -47.67 30.64 18.56
C ASP B 98 -47.48 29.26 17.90
N MET B 99 -46.39 29.11 17.15
CA MET B 99 -46.05 27.89 16.40
C MET B 99 -47.02 27.59 15.25
N THR C 3 11.56 6.77 1.87
CA THR C 3 12.55 5.96 2.65
C THR C 3 12.00 5.55 4.02
N GLN C 4 10.89 4.81 4.00
CA GLN C 4 10.24 4.34 5.22
C GLN C 4 10.77 2.97 5.65
N VAL C 5 11.63 2.38 4.83
CA VAL C 5 12.24 1.08 5.11
C VAL C 5 13.77 1.20 5.02
N GLU C 6 14.44 1.03 6.15
CA GLU C 6 15.89 1.17 6.23
C GLU C 6 16.60 -0.15 6.55
N GLN C 7 17.58 -0.50 5.72
CA GLN C 7 18.32 -1.75 5.89
C GLN C 7 19.74 -1.52 6.33
N SER C 8 20.26 -2.45 7.13
CA SER C 8 21.60 -2.40 7.67
C SER C 8 22.17 -3.81 7.82
N PRO C 9 23.47 -4.00 7.55
CA PRO C 9 24.42 -3.03 7.00
C PRO C 9 24.09 -2.73 5.54
N GLN C 10 24.71 -1.68 4.99
CA GLN C 10 24.55 -1.37 3.57
C GLN C 10 25.17 -2.47 2.71
N SER C 11 26.35 -2.94 3.12
CA SER C 11 27.03 -4.09 2.49
C SER C 11 27.92 -4.78 3.51
N LEU C 12 28.21 -6.06 3.28
CA LEU C 12 29.08 -6.84 4.17
C LEU C 12 29.78 -8.01 3.48
N VAL C 13 30.99 -8.33 3.96
CA VAL C 13 31.81 -9.40 3.40
C VAL C 13 32.05 -10.47 4.47
N VAL C 14 31.70 -11.71 4.17
CA VAL C 14 31.91 -12.83 5.11
C VAL C 14 32.64 -14.00 4.45
N ARG C 15 33.36 -14.77 5.27
CA ARG C 15 34.01 -15.99 4.80
C ARG C 15 33.03 -17.15 4.86
N GLN C 16 33.13 -18.07 3.90
CA GLN C 16 32.26 -19.25 3.85
C GLN C 16 32.17 -19.96 5.20
N GLY C 17 30.96 -20.37 5.57
CA GLY C 17 30.74 -21.12 6.80
C GLY C 17 30.35 -20.24 7.98
N GLU C 18 30.70 -18.96 7.91
CA GLU C 18 30.37 -17.99 8.96
C GLU C 18 28.89 -17.62 8.87
N ASN C 19 28.34 -17.11 9.98
CA ASN C 19 26.97 -16.62 10.02
C ASN C 19 26.91 -15.11 9.84
N CYS C 20 25.74 -14.61 9.46
CA CYS C 20 25.51 -13.17 9.43
C CYS C 20 24.06 -12.80 9.72
N VAL C 21 23.89 -11.61 10.29
CA VAL C 21 22.58 -11.08 10.63
C VAL C 21 22.35 -9.84 9.78
N LEU C 22 21.15 -9.71 9.25
CA LEU C 22 20.77 -8.54 8.46
C LEU C 22 19.60 -7.82 9.12
N GLN C 23 19.74 -6.52 9.32
CA GLN C 23 18.73 -5.73 10.02
C GLN C 23 17.78 -5.02 9.03
N CYS C 24 16.50 -4.96 9.41
CA CYS C 24 15.52 -4.14 8.70
C CYS C 24 14.65 -3.37 9.68
N ASN C 25 14.77 -2.05 9.65
CA ASN C 25 13.95 -1.17 10.47
C ASN C 25 13.08 -0.31 9.59
N TYR C 26 11.82 -0.13 10.00
CA TYR C 26 10.85 0.60 9.18
C TYR C 26 9.97 1.54 9.99
N SER C 27 9.29 2.45 9.28
CA SER C 27 8.34 3.37 9.89
C SER C 27 6.96 3.30 9.21
N VAL C 28 6.81 2.34 8.31
CA VAL C 28 5.56 2.13 7.57
C VAL C 28 4.38 1.92 8.53
N THR C 29 3.24 2.54 8.20
CA THR C 29 2.02 2.42 8.99
C THR C 29 0.78 2.24 8.11
N PRO C 30 -0.01 1.19 8.36
CA PRO C 30 0.27 0.11 9.31
C PRO C 30 1.20 -0.95 8.70
N ASP C 31 1.63 -1.90 9.54
CA ASP C 31 2.54 -2.95 9.11
C ASP C 31 1.87 -4.33 9.15
N ASN C 32 1.32 -4.76 8.02
CA ASN C 32 0.66 -6.06 7.95
C ASN C 32 1.66 -7.21 7.92
N HIS C 33 2.57 -7.19 6.94
CA HIS C 33 3.56 -8.25 6.78
C HIS C 33 4.89 -7.71 6.33
N LEU C 34 5.94 -8.45 6.65
CA LEU C 34 7.29 -8.15 6.20
C LEU C 34 7.84 -9.33 5.41
N ARG C 35 8.47 -9.04 4.27
CA ARG C 35 8.97 -10.08 3.38
C ARG C 35 10.44 -9.86 3.04
N TRP C 36 11.21 -10.94 3.04
CA TRP C 36 12.62 -10.89 2.65
C TRP C 36 12.82 -11.50 1.28
N PHE C 37 13.32 -10.68 0.35
CA PHE C 37 13.69 -11.16 -0.98
C PHE C 37 15.19 -11.44 -1.08
N LYS C 38 15.54 -12.40 -1.93
CA LYS C 38 16.92 -12.64 -2.33
C LYS C 38 17.04 -12.32 -3.82
N GLN C 39 18.03 -11.52 -4.19
CA GLN C 39 18.26 -11.14 -5.58
C GLN C 39 19.72 -11.28 -6.02
N ASP C 40 19.99 -12.26 -6.89
CA ASP C 40 21.30 -12.41 -7.53
C ASP C 40 21.51 -11.28 -8.53
N THR C 41 22.77 -10.86 -8.69
CA THR C 41 23.12 -9.82 -9.67
C THR C 41 22.64 -10.25 -11.06
N GLY C 42 21.80 -9.41 -11.67
CA GLY C 42 21.18 -9.73 -12.96
C GLY C 42 19.80 -10.36 -12.81
N LYS C 43 19.70 -11.36 -11.93
CA LYS C 43 18.45 -12.12 -11.75
C LYS C 43 17.32 -11.33 -11.06
N GLY C 44 16.21 -12.02 -10.81
CA GLY C 44 15.03 -11.41 -10.19
C GLY C 44 14.81 -11.75 -8.73
N LEU C 45 13.64 -11.42 -8.22
CA LEU C 45 13.36 -11.45 -6.78
C LEU C 45 12.81 -12.79 -6.30
N VAL C 46 13.63 -13.53 -5.56
CA VAL C 46 13.23 -14.81 -4.97
C VAL C 46 12.82 -14.62 -3.50
N SER C 47 11.57 -14.96 -3.19
CA SER C 47 11.05 -14.84 -1.83
C SER C 47 11.66 -15.88 -0.89
N LEU C 48 12.18 -15.40 0.24
CA LEU C 48 12.82 -16.28 1.23
C LEU C 48 11.86 -16.66 2.36
N THR C 49 11.17 -15.65 2.90
CA THR C 49 10.24 -15.83 4.00
C THR C 49 9.35 -14.61 4.19
N VAL C 50 8.13 -14.84 4.69
CA VAL C 50 7.21 -13.75 5.01
C VAL C 50 6.75 -13.86 6.46
N LEU C 51 6.92 -12.77 7.21
CA LEU C 51 6.56 -12.71 8.63
C LEU C 51 5.29 -11.89 8.78
N VAL C 52 4.33 -12.40 9.55
CA VAL C 52 3.01 -11.75 9.62
C VAL C 52 2.53 -11.38 11.03
N ASP C 53 3.03 -12.08 12.05
CA ASP C 53 2.54 -11.90 13.42
C ASP C 53 3.20 -10.75 14.19
N GLN C 54 2.54 -10.33 15.26
CA GLN C 54 3.01 -9.26 16.14
C GLN C 54 4.45 -9.52 16.60
N LYS C 55 4.70 -10.71 17.11
CA LYS C 55 6.04 -11.20 17.40
C LYS C 55 6.18 -12.51 16.63
N ASP C 56 6.82 -12.43 15.47
CA ASP C 56 6.88 -13.58 14.56
C ASP C 56 8.30 -14.14 14.41
N LYS C 57 8.37 -15.43 14.12
CA LYS C 57 9.62 -16.12 13.84
C LYS C 57 9.40 -17.10 12.69
N THR C 58 10.30 -17.10 11.71
CA THR C 58 10.21 -18.05 10.60
C THR C 58 11.57 -18.70 10.32
N SER C 59 11.54 -19.77 9.52
CA SER C 59 12.76 -20.45 9.08
C SER C 59 12.58 -21.08 7.69
N ASN C 60 13.70 -21.21 6.98
CA ASN C 60 13.71 -21.76 5.62
C ASN C 60 15.09 -22.34 5.33
N GLY C 61 15.34 -23.53 5.87
CA GLY C 61 16.63 -24.20 5.76
C GLY C 61 17.69 -23.48 6.57
N ARG C 62 18.61 -22.82 5.87
CA ARG C 62 19.69 -22.06 6.49
C ARG C 62 19.28 -20.62 6.80
N TYR C 63 18.10 -20.23 6.32
CA TYR C 63 17.56 -18.89 6.57
C TYR C 63 16.57 -18.92 7.74
N SER C 64 16.80 -18.06 8.72
CA SER C 64 15.79 -17.80 9.75
C SER C 64 15.54 -16.30 9.88
N ALA C 65 14.40 -15.93 10.43
CA ALA C 65 14.02 -14.52 10.53
C ALA C 65 13.08 -14.26 11.70
N THR C 66 13.12 -13.02 12.20
CA THR C 66 12.21 -12.56 13.24
C THR C 66 11.55 -11.25 12.83
N LEU C 67 10.41 -10.95 13.46
CA LEU C 67 9.75 -9.67 13.28
C LEU C 67 9.13 -9.22 14.60
N ASP C 68 9.45 -7.99 14.99
CA ASP C 68 8.83 -7.34 16.14
C ASP C 68 8.08 -6.10 15.65
N LYS C 69 6.76 -6.18 15.63
CA LYS C 69 5.93 -5.08 15.13
C LYS C 69 5.88 -3.85 16.05
N ASP C 70 6.06 -4.06 17.35
CA ASP C 70 6.12 -2.94 18.29
C ASP C 70 7.37 -2.10 18.03
N ALA C 71 8.52 -2.77 17.95
CA ALA C 71 9.79 -2.10 17.67
C ALA C 71 9.95 -1.74 16.20
N LYS C 72 9.06 -2.27 15.36
CA LYS C 72 9.12 -2.08 13.91
C LYS C 72 10.51 -2.46 13.41
N HIS C 73 10.82 -3.75 13.52
CA HIS C 73 12.18 -4.25 13.37
C HIS C 73 12.16 -5.70 12.97
N SER C 74 13.03 -6.07 12.03
CA SER C 74 13.17 -7.45 11.57
C SER C 74 14.61 -7.82 11.29
N THR C 75 14.96 -9.08 11.58
CA THR C 75 16.29 -9.60 11.26
C THR C 75 16.20 -10.82 10.36
N LEU C 76 17.21 -10.98 9.49
CA LEU C 76 17.36 -12.19 8.71
C LEU C 76 18.70 -12.83 9.05
N HIS C 77 18.65 -14.03 9.62
CA HIS C 77 19.85 -14.77 9.99
C HIS C 77 20.14 -15.81 8.94
N ILE C 78 21.37 -15.81 8.45
CA ILE C 78 21.85 -16.86 7.56
C ILE C 78 22.89 -17.70 8.31
N THR C 79 22.62 -18.99 8.45
CA THR C 79 23.55 -19.92 9.09
C THR C 79 24.44 -20.58 8.04
N ALA C 80 25.74 -20.67 8.36
CA ALA C 80 26.75 -21.30 7.49
C ALA C 80 26.64 -20.84 6.03
N THR C 81 27.07 -19.62 5.77
CA THR C 81 27.00 -19.02 4.44
C THR C 81 27.74 -19.84 3.39
N LEU C 82 27.11 -20.00 2.22
CA LEU C 82 27.73 -20.64 1.06
C LEU C 82 27.99 -19.59 -0.02
N LEU C 83 28.79 -19.96 -1.02
CA LEU C 83 29.11 -19.06 -2.13
C LEU C 83 27.85 -18.51 -2.80
N ASP C 84 26.85 -19.37 -2.98
CA ASP C 84 25.57 -19.01 -3.62
C ASP C 84 24.78 -17.92 -2.88
N ASP C 85 25.14 -17.62 -1.64
CA ASP C 85 24.49 -16.57 -0.86
C ASP C 85 24.83 -15.17 -1.35
N THR C 86 25.89 -15.05 -2.13
CA THR C 86 26.30 -13.77 -2.71
C THR C 86 25.15 -13.18 -3.53
N ALA C 87 24.47 -12.22 -2.91
CA ALA C 87 23.28 -11.58 -3.49
C ALA C 87 22.92 -10.32 -2.70
N THR C 88 22.03 -9.51 -3.26
CA THR C 88 21.43 -8.40 -2.52
C THR C 88 20.18 -8.93 -1.81
N TYR C 89 20.01 -8.55 -0.55
CA TYR C 89 18.88 -9.00 0.24
C TYR C 89 17.96 -7.83 0.55
N ILE C 90 16.71 -7.93 0.10
CA ILE C 90 15.77 -6.82 0.13
C ILE C 90 14.63 -7.05 1.11
N CYS C 91 14.36 -6.01 1.91
CA CYS C 91 13.30 -6.01 2.90
C CYS C 91 12.09 -5.25 2.35
N VAL C 92 10.90 -5.86 2.47
CA VAL C 92 9.67 -5.27 1.96
C VAL C 92 8.54 -5.33 2.98
N VAL C 93 7.86 -4.19 3.17
CA VAL C 93 6.75 -4.12 4.13
C VAL C 93 5.42 -3.79 3.41
N GLY C 94 4.45 -4.70 3.56
CA GLY C 94 3.11 -4.48 3.02
C GLY C 94 2.20 -3.87 4.06
N ASP C 95 1.46 -2.82 3.67
CA ASP C 95 0.60 -2.10 4.62
C ASP C 95 -0.84 -2.61 4.69
N ARG C 96 -1.16 -3.65 3.92
CA ARG C 96 -2.48 -4.29 4.02
C ARG C 96 -2.37 -5.81 3.94
N GLY C 97 -3.40 -6.49 4.42
CA GLY C 97 -3.55 -7.93 4.22
C GLY C 97 -4.32 -8.29 2.95
N SER C 98 -4.29 -7.38 1.97
CA SER C 98 -4.99 -7.55 0.69
C SER C 98 -4.33 -6.78 -0.45
N ALA C 99 -4.90 -6.90 -1.65
CA ALA C 99 -4.39 -6.21 -2.85
C ALA C 99 -4.53 -4.70 -2.78
N LEU C 100 -5.28 -4.22 -1.78
CA LEU C 100 -5.44 -2.78 -1.55
C LEU C 100 -4.15 -2.16 -1.03
N GLY C 101 -3.21 -3.01 -0.64
CA GLY C 101 -1.95 -2.57 -0.07
C GLY C 101 -0.87 -2.15 -1.05
N ARG C 102 0.09 -1.40 -0.53
CA ARG C 102 1.27 -0.98 -1.26
C ARG C 102 2.47 -1.65 -0.59
N LEU C 103 3.44 -2.06 -1.41
CA LEU C 103 4.69 -2.61 -0.91
C LEU C 103 5.75 -1.51 -0.77
N HIS C 104 6.45 -1.52 0.35
CA HIS C 104 7.48 -0.51 0.64
C HIS C 104 8.81 -1.18 0.71
N PHE C 105 9.66 -0.88 -0.28
CA PHE C 105 10.92 -1.60 -0.50
C PHE C 105 12.12 -0.91 0.14
N GLY C 106 12.96 -1.70 0.80
CA GLY C 106 14.27 -1.23 1.25
C GLY C 106 15.24 -1.25 0.07
N ALA C 107 16.34 -0.50 0.18
CA ALA C 107 17.34 -0.44 -0.88
C ALA C 107 18.23 -1.68 -0.93
N GLY C 108 18.10 -2.56 0.06
CA GLY C 108 18.81 -3.83 0.07
C GLY C 108 20.07 -3.84 0.91
N THR C 109 20.58 -5.04 1.15
CA THR C 109 21.85 -5.25 1.83
C THR C 109 22.69 -6.13 0.93
N GLN C 110 23.87 -5.65 0.56
CA GLN C 110 24.75 -6.40 -0.34
C GLN C 110 25.63 -7.39 0.44
N LEU C 111 25.45 -8.69 0.15
CA LEU C 111 26.28 -9.72 0.79
C LEU C 111 27.27 -10.32 -0.20
N ILE C 112 28.51 -10.47 0.25
CA ILE C 112 29.53 -11.18 -0.51
C ILE C 112 30.13 -12.27 0.39
N VAL C 113 30.01 -13.52 -0.05
CA VAL C 113 30.59 -14.65 0.65
C VAL C 113 31.88 -15.05 -0.03
N ILE C 114 33.00 -14.90 0.67
CA ILE C 114 34.30 -15.32 0.15
C ILE C 114 34.43 -16.85 0.26
N PRO C 115 34.69 -17.51 -0.88
CA PRO C 115 34.71 -18.98 -0.95
C PRO C 115 35.93 -19.62 -0.30
N ASP C 116 35.72 -20.78 0.33
CA ASP C 116 36.80 -21.54 0.94
C ASP C 116 37.53 -22.35 -0.14
N ILE C 117 38.81 -22.03 -0.35
CA ILE C 117 39.64 -22.79 -1.28
C ILE C 117 40.43 -23.85 -0.51
N GLN C 118 40.03 -25.11 -0.70
CA GLN C 118 40.59 -26.22 0.07
C GLN C 118 42.05 -26.49 -0.28
N ASN C 119 42.32 -26.77 -1.55
CA ASN C 119 43.66 -27.13 -1.99
C ASN C 119 44.18 -26.25 -3.13
N PRO C 120 44.79 -25.11 -2.79
CA PRO C 120 45.35 -24.20 -3.79
C PRO C 120 46.48 -24.85 -4.58
N ASP C 121 46.58 -24.48 -5.86
CA ASP C 121 47.57 -25.04 -6.78
C ASP C 121 47.89 -24.01 -7.86
N PRO C 122 48.29 -22.78 -7.46
CA PRO C 122 48.39 -21.63 -8.38
C PRO C 122 49.29 -21.87 -9.59
N ALA C 123 48.76 -21.54 -10.77
CA ALA C 123 49.49 -21.70 -12.03
C ALA C 123 49.05 -20.67 -13.07
N VAL C 124 49.89 -20.47 -14.08
CA VAL C 124 49.56 -19.58 -15.21
C VAL C 124 49.72 -20.34 -16.54
N TYR C 125 48.59 -20.72 -17.12
CA TYR C 125 48.57 -21.51 -18.37
C TYR C 125 48.33 -20.64 -19.60
N GLN C 126 48.73 -21.16 -20.76
CA GLN C 126 48.46 -20.53 -22.04
C GLN C 126 47.41 -21.33 -22.81
N LEU C 127 46.36 -20.64 -23.25
CA LEU C 127 45.26 -21.25 -23.97
C LEU C 127 45.18 -20.68 -25.38
N ARG C 128 44.92 -21.54 -26.37
CA ARG C 128 44.95 -21.13 -27.78
C ARG C 128 43.56 -21.09 -28.43
N ASP C 129 43.38 -20.16 -29.36
CA ASP C 129 42.12 -19.98 -30.10
C ASP C 129 41.88 -21.13 -31.07
N SER C 130 40.65 -21.62 -31.08
CA SER C 130 40.23 -22.74 -31.93
C SER C 130 40.37 -22.45 -33.43
N LYS C 131 39.95 -21.25 -33.84
CA LYS C 131 40.00 -20.85 -35.24
C LYS C 131 41.34 -20.26 -35.64
N SER C 132 41.89 -19.39 -34.78
CA SER C 132 43.17 -18.73 -35.04
C SER C 132 44.19 -19.07 -33.95
N SER C 133 44.94 -20.16 -34.16
CA SER C 133 45.83 -20.73 -33.15
C SER C 133 47.02 -19.85 -32.74
N ASP C 134 47.34 -18.85 -33.56
CA ASP C 134 48.42 -17.91 -33.27
C ASP C 134 48.05 -16.82 -32.27
N LYS C 135 46.74 -16.66 -32.01
CA LYS C 135 46.23 -15.77 -30.97
C LYS C 135 45.97 -16.56 -29.69
N SER C 136 46.22 -15.96 -28.53
CA SER C 136 46.13 -16.68 -27.26
C SER C 136 45.75 -15.82 -26.04
N VAL C 137 45.43 -16.51 -24.94
CA VAL C 137 45.16 -15.87 -23.64
C VAL C 137 46.00 -16.53 -22.54
N CYS C 138 46.14 -15.83 -21.41
CA CYS C 138 46.84 -16.37 -20.25
C CYS C 138 45.90 -16.52 -19.06
N LEU C 139 45.86 -17.71 -18.49
CA LEU C 139 44.94 -18.04 -17.41
C LEU C 139 45.64 -18.30 -16.07
N PHE C 140 45.52 -17.33 -15.16
CA PHE C 140 46.01 -17.47 -13.79
C PHE C 140 44.90 -18.12 -12.98
N THR C 141 45.17 -19.29 -12.42
CA THR C 141 44.13 -20.10 -11.77
C THR C 141 44.59 -20.83 -10.51
N ASP C 142 43.62 -21.41 -9.79
CA ASP C 142 43.85 -22.28 -8.63
C ASP C 142 44.56 -21.61 -7.44
N PHE C 143 44.46 -20.29 -7.36
CA PHE C 143 44.98 -19.55 -6.21
C PHE C 143 43.89 -19.36 -5.16
N ASP C 144 44.31 -19.17 -3.90
CA ASP C 144 43.36 -18.98 -2.80
C ASP C 144 42.86 -17.53 -2.70
N SER C 145 41.92 -17.31 -1.79
CA SER C 145 41.25 -16.01 -1.63
C SER C 145 42.18 -14.87 -1.21
N GLN C 146 43.33 -15.22 -0.64
CA GLN C 146 44.31 -14.23 -0.16
C GLN C 146 45.01 -13.46 -1.29
N THR C 147 45.03 -14.03 -2.49
CA THR C 147 45.71 -13.42 -3.64
C THR C 147 44.83 -12.37 -4.33
N ASN C 148 45.41 -11.20 -4.56
CA ASN C 148 44.74 -10.13 -5.30
C ASN C 148 45.31 -10.01 -6.71
N VAL C 149 44.42 -9.79 -7.67
CA VAL C 149 44.82 -9.63 -9.07
C VAL C 149 44.75 -8.17 -9.49
N SER C 150 45.89 -7.62 -9.89
CA SER C 150 45.99 -6.23 -10.29
C SER C 150 46.00 -6.06 -11.80
N GLN C 151 45.42 -4.94 -12.26
CA GLN C 151 45.44 -4.58 -13.69
C GLN C 151 46.85 -4.18 -14.11
N SER C 152 47.24 -4.58 -15.32
CA SER C 152 48.61 -4.35 -15.82
C SER C 152 48.93 -2.87 -16.02
N LYS C 153 50.22 -2.56 -15.95
CA LYS C 153 50.71 -1.19 -16.18
C LYS C 153 50.59 -0.78 -17.64
N ASP C 154 50.80 -1.74 -18.55
CA ASP C 154 50.65 -1.49 -19.98
C ASP C 154 49.17 -1.51 -20.36
N SER C 155 48.71 -0.44 -21.02
CA SER C 155 47.29 -0.29 -21.35
C SER C 155 46.86 -1.14 -22.55
N ASP C 156 47.83 -1.69 -23.27
CA ASP C 156 47.57 -2.63 -24.36
C ASP C 156 47.24 -4.02 -23.82
N VAL C 157 47.74 -4.31 -22.62
CA VAL C 157 47.46 -5.57 -21.93
C VAL C 157 46.16 -5.45 -21.14
N TYR C 158 45.29 -6.46 -21.26
CA TYR C 158 44.03 -6.50 -20.52
C TYR C 158 44.03 -7.64 -19.52
N ILE C 159 43.63 -7.34 -18.28
CA ILE C 159 43.52 -8.35 -17.23
C ILE C 159 42.17 -8.21 -16.52
N THR C 160 41.48 -9.33 -16.36
CA THR C 160 40.19 -9.37 -15.70
C THR C 160 40.37 -9.52 -14.19
N ASP C 161 39.33 -9.18 -13.43
CA ASP C 161 39.32 -9.40 -11.99
C ASP C 161 39.01 -10.88 -11.72
N LYS C 162 39.38 -11.36 -10.53
CA LYS C 162 39.23 -12.78 -10.18
C LYS C 162 37.77 -13.25 -10.21
N CYS C 163 37.60 -14.55 -10.45
CA CYS C 163 36.28 -15.16 -10.64
C CYS C 163 36.33 -16.56 -10.07
N VAL C 164 35.39 -16.88 -9.17
CA VAL C 164 35.32 -18.22 -8.59
C VAL C 164 34.24 -19.09 -9.25
N LEU C 165 34.67 -20.18 -9.85
CA LEU C 165 33.76 -21.15 -10.47
C LEU C 165 33.53 -22.34 -9.54
N ASP C 166 32.36 -22.96 -9.68
CA ASP C 166 31.98 -24.09 -8.86
C ASP C 166 31.66 -25.31 -9.74
N MET C 167 32.55 -26.29 -9.71
CA MET C 167 32.26 -27.59 -10.32
C MET C 167 31.46 -28.40 -9.31
N ARG C 168 30.13 -28.32 -9.44
CA ARG C 168 29.20 -28.76 -8.41
C ARG C 168 29.23 -30.27 -8.12
N SER C 169 29.30 -31.09 -9.17
CA SER C 169 29.29 -32.55 -9.04
C SER C 169 30.54 -33.12 -8.38
N MET C 170 31.63 -32.34 -8.39
CA MET C 170 32.89 -32.74 -7.77
C MET C 170 33.19 -31.98 -6.47
N ASP C 171 32.26 -31.12 -6.08
CA ASP C 171 32.42 -30.23 -4.91
C ASP C 171 33.74 -29.45 -4.96
N PHE C 172 34.05 -28.94 -6.15
CA PHE C 172 35.30 -28.23 -6.38
C PHE C 172 35.07 -26.76 -6.68
N LYS C 173 35.86 -25.91 -6.02
CA LYS C 173 35.84 -24.47 -6.26
C LYS C 173 37.25 -23.99 -6.62
N SER C 174 37.33 -23.01 -7.52
CA SER C 174 38.61 -22.41 -7.90
C SER C 174 38.47 -20.99 -8.43
N ASN C 175 39.39 -20.13 -8.00
CA ASN C 175 39.53 -18.79 -8.54
C ASN C 175 40.28 -18.81 -9.86
N SER C 176 40.00 -17.83 -10.71
CA SER C 176 40.74 -17.66 -11.96
C SER C 176 40.71 -16.22 -12.44
N ALA C 177 41.69 -15.87 -13.29
CA ALA C 177 41.70 -14.59 -13.98
C ALA C 177 42.33 -14.76 -15.35
N VAL C 178 41.91 -13.94 -16.30
CA VAL C 178 42.37 -14.05 -17.69
C VAL C 178 43.13 -12.79 -18.08
N ALA C 179 44.22 -12.98 -18.81
CA ALA C 179 45.02 -11.87 -19.32
C ALA C 179 45.37 -12.08 -20.79
N TRP C 180 45.29 -11.01 -21.57
CA TRP C 180 45.61 -11.07 -23.00
C TRP C 180 46.08 -9.75 -23.54
N SER C 181 46.75 -9.81 -24.70
CA SER C 181 47.16 -8.64 -25.47
C SER C 181 47.78 -9.09 -26.79
N ASN C 182 47.37 -8.45 -27.88
CA ASN C 182 47.91 -8.78 -29.21
C ASN C 182 49.30 -8.18 -29.49
N LYS C 183 49.70 -7.21 -28.67
CA LYS C 183 50.98 -6.53 -28.80
C LYS C 183 52.17 -7.50 -28.78
N SER C 184 53.15 -7.24 -29.65
CA SER C 184 54.31 -8.11 -29.87
C SER C 184 55.13 -8.37 -28.60
N ASP C 185 55.63 -9.59 -28.48
CA ASP C 185 56.40 -10.05 -27.31
C ASP C 185 55.58 -10.02 -26.01
N PHE C 186 54.41 -10.64 -26.05
CA PHE C 186 53.56 -10.80 -24.88
C PHE C 186 53.51 -12.27 -24.46
N ALA C 187 53.96 -12.55 -23.24
CA ALA C 187 54.00 -13.92 -22.73
C ALA C 187 53.34 -14.04 -21.36
N CYS C 188 52.91 -15.25 -21.04
CA CYS C 188 52.19 -15.53 -19.79
C CYS C 188 53.05 -15.41 -18.54
N ALA C 189 54.36 -15.66 -18.70
CA ALA C 189 55.32 -15.46 -17.63
C ALA C 189 55.43 -13.99 -17.23
N ASN C 190 55.30 -13.11 -18.23
CA ASN C 190 55.34 -11.66 -18.02
C ASN C 190 53.95 -11.01 -17.95
N ALA C 191 52.91 -11.85 -17.91
CA ALA C 191 51.53 -11.37 -17.92
C ALA C 191 51.07 -10.79 -16.58
N PHE C 192 51.39 -11.48 -15.49
CA PHE C 192 50.92 -11.10 -14.15
C PHE C 192 51.99 -10.51 -13.23
N ASN C 193 52.94 -9.79 -13.82
CA ASN C 193 54.03 -9.16 -13.07
C ASN C 193 53.56 -8.13 -12.05
N ASN C 194 52.54 -7.35 -12.42
CA ASN C 194 52.04 -6.28 -11.56
C ASN C 194 51.18 -6.77 -10.38
N SER C 195 51.01 -8.08 -10.27
CA SER C 195 50.24 -8.68 -9.19
C SER C 195 51.13 -9.44 -8.21
N ILE C 196 50.77 -9.40 -6.93
CA ILE C 196 51.46 -10.17 -5.91
C ILE C 196 50.99 -11.62 -5.92
N ILE C 197 51.60 -12.41 -6.81
CA ILE C 197 51.25 -13.84 -6.96
C ILE C 197 52.12 -14.72 -6.04
N PRO C 198 51.56 -15.85 -5.56
CA PRO C 198 52.29 -16.77 -4.67
C PRO C 198 53.65 -17.19 -5.21
N GLU C 199 54.56 -17.54 -4.29
CA GLU C 199 55.94 -17.87 -4.63
C GLU C 199 56.06 -19.18 -5.42
N ASP C 200 55.19 -20.14 -5.14
CA ASP C 200 55.24 -21.45 -5.79
C ASP C 200 54.28 -21.59 -6.98
N THR C 201 54.02 -20.48 -7.67
CA THR C 201 53.14 -20.47 -8.84
C THR C 201 53.76 -21.26 -9.99
N PHE C 202 52.97 -22.19 -10.55
CA PHE C 202 53.45 -23.05 -11.63
C PHE C 202 53.43 -22.33 -12.97
N PHE C 203 54.60 -22.25 -13.59
CA PHE C 203 54.74 -21.73 -14.95
C PHE C 203 55.27 -22.84 -15.85
N PRO C 204 54.37 -23.54 -16.57
CA PRO C 204 54.73 -24.70 -17.37
C PRO C 204 55.58 -24.38 -18.59
N SER C 205 56.42 -25.34 -18.99
CA SER C 205 57.26 -25.26 -20.19
C SER C 205 58.06 -23.96 -20.31
N ALA D 3 2.30 -19.67 -9.73
CA ALA D 3 1.90 -18.38 -10.37
C ALA D 3 3.10 -17.68 -11.01
N ALA D 4 3.18 -17.74 -12.34
CA ALA D 4 4.34 -17.25 -13.09
C ALA D 4 4.03 -16.00 -13.93
N VAL D 5 5.05 -15.16 -14.11
CA VAL D 5 4.94 -13.91 -14.87
C VAL D 5 6.12 -13.75 -15.83
N THR D 6 5.84 -13.38 -17.08
CA THR D 6 6.87 -13.19 -18.10
C THR D 6 6.96 -11.74 -18.57
N GLN D 7 8.15 -11.35 -19.01
CA GLN D 7 8.39 -9.99 -19.51
C GLN D 7 9.10 -10.03 -20.86
N SER D 8 8.70 -9.13 -21.77
CA SER D 8 9.38 -8.99 -23.05
C SER D 8 9.47 -7.51 -23.46
N PRO D 9 10.66 -7.08 -23.93
CA PRO D 9 11.88 -7.87 -24.03
C PRO D 9 12.52 -8.03 -22.65
N ARG D 10 13.57 -8.83 -22.56
CA ARG D 10 14.29 -9.01 -21.31
C ARG D 10 15.41 -7.96 -21.19
N ASN D 11 15.82 -7.42 -22.33
CA ASN D 11 16.91 -6.46 -22.40
C ASN D 11 16.76 -5.58 -23.64
N LYS D 12 16.89 -4.27 -23.46
CA LYS D 12 16.67 -3.32 -24.55
C LYS D 12 17.64 -2.15 -24.54
N VAL D 13 18.23 -1.88 -25.71
CA VAL D 13 18.99 -0.66 -25.95
C VAL D 13 18.17 0.25 -26.85
N ALA D 14 18.00 1.50 -26.41
CA ALA D 14 17.14 2.46 -27.10
C ALA D 14 17.78 3.83 -27.17
N VAL D 15 17.21 4.70 -28.01
CA VAL D 15 17.72 6.07 -28.17
C VAL D 15 16.73 7.09 -27.59
N THR D 16 17.27 8.23 -27.16
CA THR D 16 16.47 9.37 -26.72
C THR D 16 15.46 9.77 -27.81
N GLY D 17 14.22 10.01 -27.39
CA GLY D 17 13.15 10.37 -28.32
C GLY D 17 12.45 9.17 -28.92
N GLY D 18 13.06 8.00 -28.77
CA GLY D 18 12.50 6.75 -29.29
C GLY D 18 11.31 6.27 -28.47
N LYS D 19 10.53 5.38 -29.06
CA LYS D 19 9.40 4.76 -28.37
C LYS D 19 9.82 3.39 -27.88
N VAL D 20 9.65 3.16 -26.59
CA VAL D 20 9.95 1.86 -25.99
C VAL D 20 8.70 1.30 -25.32
N THR D 21 8.38 0.05 -25.65
CA THR D 21 7.25 -0.64 -25.04
C THR D 21 7.73 -1.85 -24.26
N LEU D 22 7.40 -1.88 -22.98
CA LEU D 22 7.73 -3.01 -22.13
C LEU D 22 6.46 -3.79 -21.83
N SER D 23 6.45 -5.06 -22.24
CA SER D 23 5.27 -5.91 -22.11
C SER D 23 5.42 -6.90 -20.96
N CYS D 24 4.28 -7.24 -20.36
CA CYS D 24 4.23 -8.19 -19.26
C CYS D 24 3.00 -9.08 -19.38
N ASN D 25 3.23 -10.40 -19.40
CA ASN D 25 2.15 -11.36 -19.58
C ASN D 25 2.03 -12.35 -18.40
N GLN D 26 0.81 -12.48 -17.89
CA GLN D 26 0.48 -13.46 -16.84
C GLN D 26 -0.73 -14.31 -17.20
N THR D 27 -0.66 -15.60 -16.92
CA THR D 27 -1.74 -16.53 -17.24
C THR D 27 -2.50 -17.01 -16.00
N ASN D 28 -2.26 -16.36 -14.86
CA ASN D 28 -2.81 -16.77 -13.57
C ASN D 28 -4.25 -16.30 -13.33
N ASN D 29 -4.79 -15.57 -14.31
CA ASN D 29 -6.12 -14.95 -14.20
C ASN D 29 -6.19 -13.91 -13.05
N HIS D 30 -5.05 -13.31 -12.75
CA HIS D 30 -4.99 -12.25 -11.73
C HIS D 30 -5.54 -10.97 -12.26
N ASN D 31 -6.39 -10.34 -11.46
CA ASN D 31 -6.98 -9.04 -11.79
C ASN D 31 -5.94 -7.92 -11.84
N ASN D 32 -5.00 -7.97 -10.90
CA ASN D 32 -4.15 -6.84 -10.60
C ASN D 32 -2.71 -6.99 -11.09
N MET D 33 -2.21 -5.95 -11.75
CA MET D 33 -0.84 -5.94 -12.27
C MET D 33 -0.13 -4.62 -11.96
N TYR D 34 1.19 -4.69 -11.80
CA TYR D 34 1.97 -3.55 -11.29
C TYR D 34 3.28 -3.40 -12.07
N TRP D 35 3.72 -2.16 -12.24
CA TRP D 35 5.02 -1.87 -12.85
C TRP D 35 5.93 -1.15 -11.91
N TYR D 36 7.12 -1.73 -11.71
CA TYR D 36 8.15 -1.15 -10.87
C TYR D 36 9.44 -0.86 -11.66
N ARG D 37 10.25 0.04 -11.15
CA ARG D 37 11.64 0.21 -11.64
C ARG D 37 12.63 0.17 -10.47
N GLN D 38 13.78 -0.45 -10.70
CA GLN D 38 14.81 -0.60 -9.69
C GLN D 38 16.09 0.15 -10.07
N ASP D 39 16.50 1.07 -9.19
CA ASP D 39 17.72 1.84 -9.37
C ASP D 39 18.61 1.71 -8.14
N THR D 40 19.88 1.39 -8.38
CA THR D 40 20.88 1.23 -7.31
C THR D 40 20.79 2.36 -6.28
N GLY D 41 20.67 1.97 -5.01
CA GLY D 41 20.54 2.93 -3.91
C GLY D 41 19.11 3.30 -3.58
N HIS D 42 18.17 2.67 -4.29
CA HIS D 42 16.74 2.80 -4.00
C HIS D 42 16.11 1.45 -4.02
N GLY D 43 14.99 1.29 -3.31
CA GLY D 43 14.17 0.10 -3.44
C GLY D 43 13.33 0.21 -4.71
N LEU D 44 12.52 -0.82 -4.97
CA LEU D 44 11.57 -0.76 -6.09
C LEU D 44 10.54 0.34 -5.88
N ARG D 45 10.27 1.09 -6.94
CA ARG D 45 9.29 2.18 -6.90
C ARG D 45 8.18 1.96 -7.93
N LEU D 46 6.94 2.18 -7.50
CA LEU D 46 5.76 1.92 -8.31
C LEU D 46 5.55 3.02 -9.36
N ILE D 47 5.34 2.61 -10.61
CA ILE D 47 5.16 3.54 -11.72
C ILE D 47 3.68 3.65 -12.09
N HIS D 48 3.09 2.52 -12.48
CA HIS D 48 1.68 2.41 -12.76
C HIS D 48 1.18 1.09 -12.28
N TYR D 49 -0.13 0.98 -12.08
CA TYR D 49 -0.75 -0.30 -11.78
C TYR D 49 -2.13 -0.44 -12.43
N SER D 50 -2.68 -1.65 -12.37
CA SER D 50 -3.97 -1.96 -12.98
C SER D 50 -4.79 -2.93 -12.13
N TYR D 51 -6.08 -2.66 -12.02
CA TYR D 51 -7.00 -3.52 -11.27
C TYR D 51 -7.80 -4.44 -12.20
N GLY D 52 -7.74 -4.15 -13.50
CA GLY D 52 -8.42 -4.94 -14.52
C GLY D 52 -8.22 -4.36 -15.90
N ALA D 53 -8.69 -5.08 -16.92
CA ALA D 53 -8.61 -4.63 -18.30
C ALA D 53 -9.30 -3.28 -18.49
N GLY D 54 -8.64 -2.38 -19.21
CA GLY D 54 -9.17 -1.04 -19.48
C GLY D 54 -8.87 -0.04 -18.38
N SER D 55 -8.32 -0.54 -17.27
CA SER D 55 -8.00 0.30 -16.11
C SER D 55 -6.49 0.47 -15.96
N THR D 56 -6.07 1.72 -15.80
CA THR D 56 -4.69 2.04 -15.46
C THR D 56 -4.68 3.09 -14.36
N GLU D 57 -3.75 2.96 -13.41
CA GLU D 57 -3.66 3.87 -12.28
C GLU D 57 -2.24 4.39 -12.09
N LYS D 58 -2.12 5.69 -11.84
CA LYS D 58 -0.84 6.32 -11.54
C LYS D 58 -0.25 5.75 -10.26
N GLY D 59 1.06 5.50 -10.29
CA GLY D 59 1.79 5.03 -9.12
C GLY D 59 2.50 6.17 -8.42
N ASP D 60 3.65 5.87 -7.83
CA ASP D 60 4.43 6.87 -7.10
C ASP D 60 5.29 7.74 -8.00
N ILE D 61 5.76 7.17 -9.11
CA ILE D 61 6.60 7.91 -10.07
C ILE D 61 6.12 7.74 -11.52
N PRO D 62 4.93 8.26 -11.84
CA PRO D 62 4.29 7.96 -13.12
C PRO D 62 4.79 8.81 -14.30
N ASP D 63 5.45 9.93 -14.01
CA ASP D 63 5.90 10.87 -15.06
C ASP D 63 6.86 10.23 -16.06
N GLY D 64 6.57 10.43 -17.34
CA GLY D 64 7.39 9.89 -18.42
C GLY D 64 6.92 8.52 -18.90
N TYR D 65 5.95 7.95 -18.18
CA TYR D 65 5.44 6.62 -18.49
C TYR D 65 3.93 6.62 -18.72
N LYS D 66 3.50 5.82 -19.69
CA LYS D 66 2.08 5.57 -19.92
C LYS D 66 1.83 4.07 -19.86
N ALA D 67 0.73 3.68 -19.19
CA ALA D 67 0.40 2.28 -19.03
C ALA D 67 -0.75 1.87 -19.94
N SER D 68 -0.82 0.58 -20.25
CA SER D 68 -1.89 0.03 -21.08
C SER D 68 -2.26 -1.35 -20.61
N ARG D 69 -3.54 -1.53 -20.31
CA ARG D 69 -4.07 -2.85 -20.00
C ARG D 69 -5.20 -3.17 -20.98
N PRO D 70 -4.84 -3.76 -22.14
CA PRO D 70 -5.85 -4.16 -23.12
C PRO D 70 -6.61 -5.43 -22.69
N SER D 71 -5.97 -6.27 -21.89
CA SER D 71 -6.54 -7.56 -21.50
C SER D 71 -6.08 -7.97 -20.10
N GLN D 72 -6.74 -9.00 -19.56
CA GLN D 72 -6.40 -9.55 -18.25
C GLN D 72 -4.97 -10.10 -18.21
N GLU D 73 -4.50 -10.62 -19.35
CA GLU D 73 -3.16 -11.23 -19.45
C GLU D 73 -2.02 -10.22 -19.61
N ASN D 74 -2.28 -9.10 -20.28
CA ASN D 74 -1.22 -8.15 -20.66
C ASN D 74 -1.28 -6.77 -20.01
N PHE D 75 -0.22 -6.44 -19.28
CA PHE D 75 0.01 -5.08 -18.77
C PHE D 75 1.26 -4.54 -19.45
N SER D 76 1.17 -3.31 -19.96
CA SER D 76 2.19 -2.77 -20.85
C SER D 76 2.68 -1.39 -20.40
N LEU D 77 3.99 -1.24 -20.28
CA LEU D 77 4.60 0.03 -19.90
C LEU D 77 5.22 0.72 -21.12
N ILE D 78 4.63 1.85 -21.50
CA ILE D 78 5.00 2.55 -22.73
C ILE D 78 5.79 3.81 -22.42
N LEU D 79 6.96 3.92 -23.03
CA LEU D 79 7.80 5.11 -22.94
C LEU D 79 7.74 5.83 -24.28
N GLU D 80 6.92 6.88 -24.33
CA GLU D 80 6.63 7.60 -25.57
C GLU D 80 7.84 8.36 -26.09
N LEU D 81 8.47 9.14 -25.21
CA LEU D 81 9.71 9.84 -25.51
C LEU D 81 10.78 9.44 -24.50
N ALA D 82 11.58 8.43 -24.88
CA ALA D 82 12.59 7.86 -23.99
C ALA D 82 13.67 8.87 -23.61
N THR D 83 14.07 8.84 -22.35
CA THR D 83 15.14 9.70 -21.84
C THR D 83 16.17 8.85 -21.11
N PRO D 84 17.44 9.32 -21.04
CA PRO D 84 18.48 8.59 -20.31
C PRO D 84 18.12 8.31 -18.84
N SER D 85 17.31 9.18 -18.24
CA SER D 85 16.88 9.02 -16.85
C SER D 85 15.98 7.79 -16.65
N GLN D 86 15.49 7.23 -17.76
CA GLN D 86 14.65 6.04 -17.74
C GLN D 86 15.46 4.75 -17.90
N THR D 87 16.78 4.87 -17.87
CA THR D 87 17.68 3.72 -17.80
C THR D 87 17.50 3.08 -16.43
N SER D 88 17.05 1.83 -16.42
CA SER D 88 16.70 1.13 -15.20
C SER D 88 16.48 -0.35 -15.46
N VAL D 89 16.26 -1.11 -14.38
CA VAL D 89 15.76 -2.48 -14.48
C VAL D 89 14.29 -2.44 -14.10
N TYR D 90 13.43 -2.92 -15.01
CA TYR D 90 11.99 -2.81 -14.83
C TYR D 90 11.36 -4.14 -14.46
N PHE D 91 10.69 -4.18 -13.32
CA PHE D 91 10.00 -5.38 -12.86
C PHE D 91 8.50 -5.22 -12.96
N CYS D 92 7.85 -6.30 -13.39
CA CYS D 92 6.40 -6.36 -13.44
C CYS D 92 5.90 -7.35 -12.41
N ALA D 93 4.69 -7.14 -11.92
CA ALA D 93 4.08 -8.05 -10.94
C ALA D 93 2.59 -8.20 -11.16
N SER D 94 2.05 -9.32 -10.67
CA SER D 94 0.61 -9.57 -10.66
C SER D 94 0.17 -10.21 -9.34
N GLY D 95 -1.13 -10.19 -9.09
CA GLY D 95 -1.71 -10.81 -7.90
C GLY D 95 -3.23 -10.76 -7.93
N ASP D 96 -3.87 -11.65 -7.16
CA ASP D 96 -5.31 -11.62 -7.00
C ASP D 96 -5.68 -10.65 -5.88
N GLU D 97 -6.75 -10.95 -5.14
CA GLU D 97 -7.21 -10.06 -4.07
C GLU D 97 -6.31 -10.05 -2.83
N GLY D 98 -5.45 -11.06 -2.71
CA GLY D 98 -4.53 -11.18 -1.58
C GLY D 98 -3.39 -10.18 -1.64
N TYR D 99 -2.52 -10.21 -0.63
CA TYR D 99 -1.43 -9.23 -0.54
C TYR D 99 -0.20 -9.57 -1.38
N THR D 100 -0.02 -10.85 -1.70
CA THR D 100 1.16 -11.31 -2.45
C THR D 100 1.18 -10.79 -3.88
N GLN D 101 2.30 -10.18 -4.26
CA GLN D 101 2.56 -9.81 -5.64
C GLN D 101 3.66 -10.72 -6.18
N TYR D 102 3.39 -11.36 -7.32
CA TYR D 102 4.34 -12.28 -7.94
C TYR D 102 5.11 -11.54 -9.03
N PHE D 103 6.43 -11.56 -8.94
CA PHE D 103 7.28 -10.70 -9.78
C PHE D 103 7.86 -11.39 -11.01
N GLY D 104 7.99 -10.61 -12.08
CA GLY D 104 8.63 -11.08 -13.31
C GLY D 104 10.14 -11.06 -13.19
N PRO D 105 10.85 -11.61 -14.20
CA PRO D 105 12.30 -11.76 -14.15
C PRO D 105 13.07 -10.45 -14.38
N GLY D 106 12.36 -9.38 -14.75
CA GLY D 106 12.97 -8.07 -14.95
C GLY D 106 13.32 -7.77 -16.40
N THR D 107 13.39 -6.48 -16.71
CA THR D 107 13.75 -6.01 -18.04
C THR D 107 14.79 -4.90 -17.93
N ARG D 108 16.00 -5.17 -18.43
CA ARG D 108 17.06 -4.18 -18.41
C ARG D 108 16.95 -3.24 -19.60
N LEU D 109 16.83 -1.95 -19.32
CA LEU D 109 16.74 -0.93 -20.38
C LEU D 109 17.89 0.07 -20.28
N LEU D 110 18.50 0.37 -21.41
CA LEU D 110 19.48 1.44 -21.51
C LEU D 110 19.03 2.42 -22.58
N VAL D 111 18.96 3.70 -22.19
CA VAL D 111 18.65 4.76 -23.14
C VAL D 111 19.88 5.60 -23.39
N LEU D 112 20.40 5.52 -24.61
CA LEU D 112 21.57 6.27 -25.03
C LEU D 112 21.17 7.58 -25.68
N GLU D 113 22.10 8.53 -25.72
CA GLU D 113 21.85 9.79 -26.40
C GLU D 113 21.91 9.57 -27.91
N ASP D 114 22.87 8.77 -28.34
CA ASP D 114 23.07 8.47 -29.75
C ASP D 114 23.44 7.00 -29.93
N LEU D 115 22.96 6.40 -31.01
CA LEU D 115 23.26 5.00 -31.34
C LEU D 115 24.49 4.88 -32.25
N ARG D 116 25.23 5.99 -32.36
CA ARG D 116 26.40 6.12 -33.21
C ARG D 116 27.44 5.02 -33.03
N ASN D 117 27.68 4.62 -31.78
CA ASN D 117 28.79 3.72 -31.46
C ASN D 117 28.42 2.26 -31.18
N VAL D 118 27.13 1.91 -31.35
CA VAL D 118 26.67 0.54 -31.11
C VAL D 118 27.40 -0.45 -32.05
N THR D 119 27.95 -1.52 -31.47
CA THR D 119 28.74 -2.50 -32.22
C THR D 119 28.63 -3.88 -31.58
N PRO D 120 28.34 -4.92 -32.40
CA PRO D 120 28.31 -6.30 -31.91
C PRO D 120 29.72 -6.83 -31.59
N PRO D 121 29.81 -7.83 -30.69
CA PRO D 121 31.11 -8.35 -30.28
C PRO D 121 31.73 -9.36 -31.25
N LYS D 122 33.04 -9.55 -31.13
CA LYS D 122 33.73 -10.68 -31.75
C LYS D 122 33.93 -11.73 -30.66
N VAL D 123 33.50 -12.96 -30.92
CA VAL D 123 33.59 -14.01 -29.91
C VAL D 123 34.65 -15.05 -30.28
N SER D 124 35.61 -15.26 -29.38
CA SER D 124 36.62 -16.29 -29.57
C SER D 124 36.59 -17.30 -28.42
N LEU D 125 36.77 -18.58 -28.76
CA LEU D 125 36.87 -19.63 -27.77
C LEU D 125 38.30 -20.17 -27.71
N PHE D 126 38.83 -20.28 -26.49
CA PHE D 126 40.20 -20.72 -26.28
C PHE D 126 40.25 -22.10 -25.66
N GLU D 127 40.96 -23.01 -26.33
CA GLU D 127 41.02 -24.41 -25.95
C GLU D 127 41.99 -24.67 -24.80
N PRO D 128 41.58 -25.51 -23.83
CA PRO D 128 42.32 -25.85 -22.61
C PRO D 128 43.79 -26.19 -22.83
N SER D 129 44.62 -25.80 -21.87
CA SER D 129 46.06 -26.07 -21.90
C SER D 129 46.36 -27.54 -21.63
N LYS D 130 47.28 -28.09 -22.43
CA LYS D 130 47.75 -29.47 -22.27
C LYS D 130 48.44 -29.65 -20.91
N ALA D 131 49.12 -28.59 -20.47
CA ALA D 131 49.76 -28.55 -19.15
C ALA D 131 48.74 -28.64 -18.03
N GLU D 132 47.63 -27.91 -18.17
CA GLU D 132 46.55 -27.93 -17.19
C GLU D 132 45.94 -29.33 -17.04
N ILE D 133 45.75 -30.00 -18.17
CA ILE D 133 45.20 -31.35 -18.21
C ILE D 133 46.08 -32.33 -17.43
N SER D 134 47.39 -32.24 -17.63
CA SER D 134 48.35 -33.15 -16.98
C SER D 134 48.61 -32.80 -15.51
N HIS D 135 48.44 -31.52 -15.15
CA HIS D 135 48.75 -31.04 -13.80
C HIS D 135 47.60 -31.11 -12.84
N THR D 136 46.38 -30.88 -13.35
CA THR D 136 45.19 -30.83 -12.50
C THR D 136 44.18 -31.94 -12.80
N GLN D 137 44.33 -32.57 -13.96
CA GLN D 137 43.31 -33.47 -14.51
C GLN D 137 41.98 -32.75 -14.76
N LYS D 138 42.08 -31.46 -15.08
CA LYS D 138 40.93 -30.62 -15.38
C LYS D 138 41.23 -29.71 -16.56
N ALA D 139 40.19 -29.37 -17.32
CA ALA D 139 40.34 -28.58 -18.53
C ALA D 139 39.47 -27.32 -18.50
N THR D 140 40.12 -26.16 -18.54
CA THR D 140 39.41 -24.87 -18.54
C THR D 140 39.37 -24.24 -19.94
N LEU D 141 38.16 -24.06 -20.45
CA LEU D 141 37.93 -23.31 -21.67
C LEU D 141 37.75 -21.83 -21.30
N VAL D 142 38.17 -20.95 -22.19
CA VAL D 142 37.97 -19.51 -21.98
C VAL D 142 37.30 -18.88 -23.18
N CYS D 143 36.27 -18.09 -22.91
CA CYS D 143 35.56 -17.37 -23.94
C CYS D 143 35.84 -15.89 -23.83
N LEU D 144 35.94 -15.23 -24.98
CA LEU D 144 36.32 -13.83 -25.04
C LEU D 144 35.42 -13.05 -25.99
N ALA D 145 34.64 -12.14 -25.44
CA ALA D 145 33.83 -11.22 -26.25
C ALA D 145 34.53 -9.87 -26.26
N THR D 146 34.84 -9.35 -27.45
CA THR D 146 35.63 -8.13 -27.58
C THR D 146 35.04 -7.12 -28.57
N GLY D 147 35.27 -5.85 -28.29
CA GLY D 147 34.94 -4.75 -29.18
C GLY D 147 33.47 -4.41 -29.32
N PHE D 148 32.69 -4.63 -28.25
CA PHE D 148 31.25 -4.36 -28.30
C PHE D 148 30.84 -3.11 -27.54
N TYR D 149 29.72 -2.51 -27.99
CA TYR D 149 29.15 -1.35 -27.33
C TYR D 149 27.64 -1.35 -27.58
N PRO D 150 26.82 -1.08 -26.54
CA PRO D 150 27.19 -0.89 -25.12
C PRO D 150 27.47 -2.21 -24.39
N ASP D 151 27.44 -2.18 -23.06
CA ASP D 151 27.81 -3.34 -22.24
C ASP D 151 26.68 -4.36 -22.01
N HIS D 152 25.61 -4.26 -22.80
CA HIS D 152 24.44 -5.13 -22.65
C HIS D 152 24.58 -6.46 -23.36
N VAL D 153 25.38 -7.35 -22.79
CA VAL D 153 25.56 -8.69 -23.34
C VAL D 153 25.20 -9.80 -22.36
N GLU D 154 24.79 -10.94 -22.90
CA GLU D 154 24.52 -12.14 -22.11
C GLU D 154 25.34 -13.30 -22.64
N LEU D 155 26.42 -13.61 -21.92
CA LEU D 155 27.27 -14.74 -22.27
C LEU D 155 26.72 -16.01 -21.62
N SER D 156 26.59 -17.06 -22.41
CA SER D 156 26.14 -18.36 -21.93
C SER D 156 26.96 -19.50 -22.53
N TRP D 157 27.09 -20.59 -21.76
CA TRP D 157 27.84 -21.77 -22.19
C TRP D 157 26.93 -22.90 -22.56
N TRP D 158 27.25 -23.54 -23.68
CA TRP D 158 26.43 -24.63 -24.21
C TRP D 158 27.24 -25.84 -24.54
N VAL D 159 26.86 -26.98 -23.98
CA VAL D 159 27.49 -28.26 -24.26
C VAL D 159 26.44 -29.20 -24.85
N ASN D 160 26.71 -29.64 -26.08
CA ASN D 160 25.80 -30.48 -26.87
C ASN D 160 24.38 -29.91 -26.93
N GLY D 161 24.27 -28.66 -27.37
CA GLY D 161 22.98 -27.99 -27.51
C GLY D 161 22.22 -27.77 -26.22
N LYS D 162 22.89 -27.99 -25.09
CA LYS D 162 22.28 -27.76 -23.78
C LYS D 162 23.13 -26.84 -22.92
N GLU D 163 22.47 -25.85 -22.32
CA GLU D 163 23.14 -24.84 -21.50
C GLU D 163 23.68 -25.44 -20.21
N VAL D 164 24.88 -25.00 -19.81
CA VAL D 164 25.52 -25.45 -18.57
C VAL D 164 25.91 -24.27 -17.69
N HIS D 165 25.75 -24.45 -16.37
CA HIS D 165 26.09 -23.43 -15.38
C HIS D 165 27.12 -23.92 -14.42
N SER D 166 27.19 -25.24 -14.25
CA SER D 166 28.18 -25.87 -13.39
C SER D 166 29.58 -25.68 -13.99
N GLY D 167 30.50 -25.20 -13.18
CA GLY D 167 31.87 -24.96 -13.62
C GLY D 167 32.03 -23.74 -14.50
N VAL D 168 31.08 -22.80 -14.38
CA VAL D 168 31.10 -21.58 -15.19
C VAL D 168 31.39 -20.36 -14.32
N CYS D 169 32.22 -19.45 -14.82
CA CYS D 169 32.41 -18.14 -14.20
C CYS D 169 32.58 -17.06 -15.25
N THR D 170 31.68 -16.08 -15.21
CA THR D 170 31.73 -14.94 -16.12
C THR D 170 32.00 -13.67 -15.32
N ASP D 171 32.89 -12.82 -15.84
CA ASP D 171 33.18 -11.53 -15.23
C ASP D 171 31.90 -10.83 -14.82
N PRO D 172 31.85 -10.31 -13.57
CA PRO D 172 30.65 -9.62 -13.09
C PRO D 172 30.40 -8.31 -13.83
N GLN D 173 31.46 -7.76 -14.44
CA GLN D 173 31.36 -6.57 -15.27
C GLN D 173 32.37 -6.61 -16.41
N PRO D 174 31.99 -6.11 -17.61
CA PRO D 174 32.91 -6.02 -18.73
C PRO D 174 33.94 -4.91 -18.52
N LEU D 175 35.17 -5.12 -18.97
CA LEU D 175 36.21 -4.08 -18.90
C LEU D 175 36.25 -3.21 -20.15
N LYS D 176 36.77 -1.99 -20.02
CA LYS D 176 36.88 -1.06 -21.13
C LYS D 176 38.18 -1.22 -21.91
N GLU D 177 38.07 -1.25 -23.23
CA GLU D 177 39.21 -1.46 -24.12
C GLU D 177 40.08 -0.20 -24.27
N GLN D 178 39.43 0.96 -24.39
CA GLN D 178 40.11 2.25 -24.42
C GLN D 178 39.48 3.19 -23.38
N PRO D 179 39.86 3.04 -22.09
CA PRO D 179 39.29 3.86 -21.02
C PRO D 179 39.45 5.38 -21.24
N ALA D 180 40.46 5.75 -22.00
CA ALA D 180 40.73 7.16 -22.33
C ALA D 180 39.68 7.75 -23.29
N LEU D 181 39.16 6.91 -24.20
CA LEU D 181 38.16 7.35 -25.17
C LEU D 181 36.77 7.47 -24.56
N ASN D 182 35.94 8.33 -25.15
CA ASN D 182 34.64 8.70 -24.60
C ASN D 182 33.63 7.56 -24.55
N ASP D 183 33.34 6.96 -25.71
CA ASP D 183 32.40 5.84 -25.78
C ASP D 183 33.16 4.54 -26.07
N SER D 184 34.01 4.15 -25.10
CA SER D 184 34.88 2.99 -25.24
C SER D 184 34.11 1.71 -25.50
N ARG D 185 34.70 0.85 -26.34
CA ARG D 185 34.19 -0.49 -26.55
C ARG D 185 34.58 -1.38 -25.38
N TYR D 186 33.83 -2.46 -25.18
CA TYR D 186 34.01 -3.33 -24.01
C TYR D 186 34.59 -4.70 -24.37
N SER D 187 35.09 -5.39 -23.34
CA SER D 187 35.49 -6.79 -23.47
C SER D 187 35.01 -7.58 -22.25
N LEU D 188 34.58 -8.82 -22.50
CA LEU D 188 34.08 -9.69 -21.45
C LEU D 188 34.71 -11.07 -21.55
N SER D 189 35.02 -11.65 -20.40
CA SER D 189 35.65 -12.97 -20.33
C SER D 189 34.84 -13.95 -19.49
N SER D 190 34.93 -15.23 -19.84
CA SER D 190 34.25 -16.29 -19.11
C SER D 190 35.03 -17.61 -19.16
N ARG D 191 34.83 -18.45 -18.15
CA ARG D 191 35.50 -19.75 -18.08
C ARG D 191 34.48 -20.88 -17.95
N LEU D 192 34.77 -22.00 -18.58
CA LEU D 192 34.06 -23.24 -18.35
C LEU D 192 35.09 -24.32 -18.04
N ARG D 193 35.11 -24.78 -16.79
CA ARG D 193 36.04 -25.82 -16.38
C ARG D 193 35.34 -27.17 -16.31
N VAL D 194 35.91 -28.15 -16.99
CA VAL D 194 35.40 -29.51 -17.00
C VAL D 194 36.52 -30.49 -16.65
N SER D 195 36.16 -31.75 -16.41
CA SER D 195 37.15 -32.80 -16.18
C SER D 195 37.88 -33.10 -17.49
N ALA D 196 39.16 -33.44 -17.39
CA ALA D 196 40.00 -33.72 -18.55
C ALA D 196 39.36 -34.75 -19.50
N THR D 197 38.84 -35.84 -18.92
CA THR D 197 38.22 -36.90 -19.71
C THR D 197 37.00 -36.45 -20.50
N PHE D 198 36.28 -35.46 -19.97
CA PHE D 198 35.11 -34.89 -20.65
C PHE D 198 35.51 -34.03 -21.83
N TRP D 199 36.58 -33.26 -21.67
CA TRP D 199 37.16 -32.49 -22.77
C TRP D 199 37.81 -33.38 -23.80
N GLN D 200 38.44 -34.46 -23.34
CA GLN D 200 39.11 -35.42 -24.22
C GLN D 200 38.13 -36.21 -25.12
N ASN D 201 36.84 -36.14 -24.79
CA ASN D 201 35.79 -36.80 -25.56
C ASN D 201 35.47 -36.04 -26.85
N PRO D 202 35.72 -36.68 -28.02
CA PRO D 202 35.51 -36.06 -29.32
C PRO D 202 34.04 -35.88 -29.73
N ARG D 203 33.13 -36.42 -28.93
CA ARG D 203 31.69 -36.34 -29.24
C ARG D 203 30.99 -35.18 -28.51
N ASN D 204 31.75 -34.44 -27.70
CA ASN D 204 31.24 -33.30 -26.95
C ASN D 204 31.49 -31.97 -27.65
N HIS D 205 30.40 -31.27 -27.97
CA HIS D 205 30.47 -29.99 -28.67
C HIS D 205 30.34 -28.85 -27.71
N PHE D 206 31.37 -28.01 -27.66
CA PHE D 206 31.41 -26.87 -26.75
C PHE D 206 31.16 -25.57 -27.51
N ARG D 207 30.25 -24.76 -26.99
CA ARG D 207 29.95 -23.46 -27.61
C ARG D 207 29.76 -22.34 -26.59
N CYS D 208 30.46 -21.24 -26.80
CA CYS D 208 30.25 -20.03 -26.03
C CYS D 208 29.39 -19.06 -26.83
N GLN D 209 28.25 -18.68 -26.27
CA GLN D 209 27.30 -17.83 -26.97
C GLN D 209 27.17 -16.49 -26.28
N VAL D 210 27.33 -15.42 -27.05
CA VAL D 210 27.08 -14.07 -26.54
C VAL D 210 25.84 -13.47 -27.21
N GLN D 211 24.83 -13.19 -26.39
CA GLN D 211 23.61 -12.52 -26.85
C GLN D 211 23.81 -11.01 -26.70
N PHE D 212 23.99 -10.34 -27.84
CA PHE D 212 24.21 -8.90 -27.87
C PHE D 212 22.89 -8.18 -28.10
N TYR D 213 22.69 -7.08 -27.39
CA TYR D 213 21.50 -6.24 -27.58
C TYR D 213 21.91 -4.91 -28.21
N GLY D 214 21.35 -4.64 -29.38
CA GLY D 214 21.65 -3.42 -30.11
C GLY D 214 20.42 -2.84 -30.77
N LEU D 215 20.55 -2.46 -32.03
CA LEU D 215 19.48 -1.81 -32.77
C LEU D 215 18.39 -2.78 -33.20
N SER D 216 17.20 -2.24 -33.43
CA SER D 216 16.09 -2.99 -33.99
C SER D 216 16.09 -2.82 -35.51
N GLU D 217 15.41 -3.73 -36.20
CA GLU D 217 15.26 -3.66 -37.66
C GLU D 217 14.63 -2.33 -38.12
N ASN D 218 13.93 -1.66 -37.21
CA ASN D 218 13.25 -0.40 -37.49
C ASN D 218 14.11 0.85 -37.26
N ASP D 219 15.19 0.69 -36.48
CA ASP D 219 16.10 1.80 -36.20
C ASP D 219 16.83 2.27 -37.46
N GLU D 220 16.97 3.59 -37.60
CA GLU D 220 17.65 4.18 -38.75
C GLU D 220 19.16 4.03 -38.64
N TRP D 221 19.79 3.57 -39.72
CA TRP D 221 21.24 3.41 -39.76
C TRP D 221 21.85 4.18 -40.88
N THR D 222 22.74 5.12 -40.54
CA THR D 222 23.28 6.07 -41.51
C THR D 222 24.79 5.89 -41.75
N GLN D 223 25.31 4.73 -41.38
CA GLN D 223 26.75 4.44 -41.53
C GLN D 223 27.00 3.36 -42.57
N ASP D 224 28.25 3.24 -43.00
CA ASP D 224 28.64 2.28 -44.03
C ASP D 224 28.73 0.84 -43.50
N ARG D 225 29.21 0.69 -42.26
CA ARG D 225 29.36 -0.63 -41.63
C ARG D 225 28.02 -1.32 -41.37
N ALA D 226 28.07 -2.65 -41.23
CA ALA D 226 26.88 -3.46 -40.97
C ALA D 226 26.08 -2.96 -39.76
N LYS D 227 24.77 -2.93 -39.92
CA LYS D 227 23.84 -2.47 -38.89
C LYS D 227 23.97 -3.31 -37.61
N PRO D 228 24.32 -2.66 -36.48
CA PRO D 228 24.58 -3.36 -35.23
C PRO D 228 23.29 -3.81 -34.53
N VAL D 229 22.56 -4.71 -35.18
CA VAL D 229 21.31 -5.23 -34.65
C VAL D 229 21.52 -6.15 -33.45
N THR D 230 20.46 -6.33 -32.67
CA THR D 230 20.39 -7.39 -31.66
C THR D 230 20.69 -8.71 -32.36
N GLN D 231 21.69 -9.44 -31.87
CA GLN D 231 22.11 -10.67 -32.53
C GLN D 231 22.87 -11.62 -31.59
N ILE D 232 23.13 -12.81 -32.11
CA ILE D 232 23.94 -13.79 -31.41
C ILE D 232 25.26 -14.00 -32.15
N VAL D 233 26.37 -13.85 -31.44
CA VAL D 233 27.68 -14.21 -31.95
C VAL D 233 28.24 -15.29 -31.03
N SER D 234 28.73 -16.38 -31.62
CA SER D 234 29.24 -17.49 -30.83
C SER D 234 30.50 -18.14 -31.43
N ALA D 235 31.36 -18.63 -30.54
CA ALA D 235 32.52 -19.43 -30.94
C ALA D 235 32.36 -20.85 -30.41
N GLU D 236 32.96 -21.79 -31.11
CA GLU D 236 32.67 -23.21 -30.91
C GLU D 236 33.91 -24.10 -31.13
N ALA D 237 33.99 -25.18 -30.37
CA ALA D 237 35.05 -26.19 -30.53
C ALA D 237 34.61 -27.57 -30.06
N TRP D 238 35.13 -28.61 -30.71
CA TRP D 238 34.90 -29.99 -30.30
C TRP D 238 35.98 -30.46 -29.37
N GLY D 239 35.66 -31.47 -28.56
CA GLY D 239 36.64 -32.10 -27.69
C GLY D 239 37.64 -32.94 -28.48
N ARG D 240 38.83 -33.12 -27.91
CA ARG D 240 39.89 -33.89 -28.58
C ARG D 240 40.78 -34.67 -27.59
N ALA D 241 41.32 -35.80 -28.06
CA ALA D 241 42.15 -36.68 -27.25
C ALA D 241 43.50 -36.06 -26.87
#